data_5VJA
#
_entry.id   5VJA
#
_cell.length_a   53.492
_cell.length_b   98.491
_cell.length_c   115.022
_cell.angle_alpha   90.00
_cell.angle_beta   90.07
_cell.angle_gamma   90.00
#
_symmetry.space_group_name_H-M   'P 1 21 1'
#
loop_
_entity.id
_entity.type
_entity.pdbx_description
1 polymer 'Death-associated protein kinase 3'
2 non-polymer 'DIMETHYL SULFOXIDE'
3 non-polymer (2R)-2-{[1-(3-chlorophenyl)-4-oxo-4,5-dihydro-1H-pyrazolo[3,4-d]pyrimidin-6-yl]sulfanyl}propanamide
4 non-polymer ISOLEUCINE
5 water water
#
_entity_poly.entity_id   1
_entity_poly.type   'polypeptide(L)'
_entity_poly.pdbx_seq_one_letter_code
;SMVEDHYEMGEELGSGQFAIVRKCRQKGTGKEYAAKFIKKRRLSSSRRGVSREEIEREVNILREIRHPNIITLHDIFENK
TDVVLILELVSGGELFDFLAEKESLTEDEATQFLKQILDGVHYLHSKRIAHFDLKPENIMLLDKNVPNPRIKLIDFGIAH
KIEAGNEFKNIFGTPEFVAPEIVNYEPLGLEADMWSIGVITYILLSGASPFLGETKQETLTNISAVNYDFDEEYFSNTSE
LAKDFIRRLLVKDPKRRMTIAQSLEHSWIKAIRRRNVRGEDSG
;
_entity_poly.pdbx_strand_id   A,B,C,D
#
loop_
_chem_comp.id
_chem_comp.type
_chem_comp.name
_chem_comp.formula
DMS non-polymer 'DIMETHYL SULFOXIDE' 'C2 H6 O S'
DUK non-polymer (2R)-2-{[1-(3-chlorophenyl)-4-oxo-4,5-dihydro-1H-pyrazolo[3,4-d]pyrimidin-6-yl]sulfanyl}propanamide 'C14 H12 Cl N5 O2 S'
#
# COMPACT_ATOMS: atom_id res chain seq x y z
N SER A 1 -7.81 17.96 25.69
CA SER A 1 -7.21 18.74 24.53
C SER A 1 -8.12 19.90 24.12
N MET A 2 -7.55 21.10 23.99
CA MET A 2 -8.28 22.23 23.51
C MET A 2 -8.06 22.45 22.00
N VAL A 3 -9.18 22.54 21.30
CA VAL A 3 -9.16 22.81 19.85
C VAL A 3 -8.28 24.00 19.44
N GLU A 4 -8.29 25.08 20.20
CA GLU A 4 -7.42 26.26 19.94
C GLU A 4 -5.89 26.03 20.09
N ASP A 5 -5.47 24.98 20.82
CA ASP A 5 -4.09 24.53 20.80
C ASP A 5 -3.62 23.90 19.49
N HIS A 6 -4.54 23.35 18.73
CA HIS A 6 -4.23 22.57 17.55
C HIS A 6 -4.60 23.24 16.25
N TYR A 7 -5.70 24.00 16.23
CA TYR A 7 -6.29 24.60 15.01
C TYR A 7 -6.50 26.12 15.12
N GLU A 8 -6.03 26.83 14.12
CA GLU A 8 -6.30 28.27 13.94
C GLU A 8 -7.52 28.42 13.06
N MET A 9 -8.53 29.11 13.53
CA MET A 9 -9.79 29.30 12.78
C MET A 9 -9.74 30.44 11.76
N GLY A 10 -10.49 30.28 10.68
CA GLY A 10 -10.58 31.25 9.62
C GLY A 10 -11.97 31.51 9.14
N GLU A 11 -12.10 31.78 7.84
CA GLU A 11 -13.34 32.15 7.14
C GLU A 11 -14.49 31.19 7.40
N GLU A 12 -15.64 31.77 7.68
CA GLU A 12 -16.85 31.03 7.93
C GLU A 12 -17.37 30.46 6.59
N LEU A 13 -17.78 29.19 6.59
CA LEU A 13 -18.26 28.53 5.38
C LEU A 13 -19.77 28.23 5.35
N GLY A 14 -20.40 28.21 6.52
CA GLY A 14 -21.79 27.73 6.62
C GLY A 14 -22.35 27.76 8.01
N SER A 15 -23.63 28.02 8.14
CA SER A 15 -24.32 28.10 9.45
C SER A 15 -25.60 27.32 9.32
N GLY A 16 -25.86 26.48 10.31
CA GLY A 16 -27.12 25.72 10.44
C GLY A 16 -27.69 26.22 11.74
N GLN A 17 -28.62 25.46 12.32
CA GLN A 17 -29.39 26.00 13.46
C GLN A 17 -28.55 26.10 14.75
N PHE A 18 -27.78 25.05 15.06
CA PHE A 18 -26.80 25.11 16.16
C PHE A 18 -25.41 24.60 15.75
N ALA A 19 -25.12 24.65 14.44
CA ALA A 19 -23.80 24.35 13.91
C ALA A 19 -23.23 25.52 13.11
N ILE A 20 -21.94 25.82 13.28
CA ILE A 20 -21.25 26.70 12.36
C ILE A 20 -19.99 26.02 11.89
N VAL A 21 -19.67 26.21 10.62
CA VAL A 21 -18.52 25.54 9.98
C VAL A 21 -17.55 26.59 9.48
N ARG A 22 -16.30 26.48 9.90
CA ARG A 22 -15.26 27.42 9.46
C ARG A 22 -14.09 26.66 8.89
N LYS A 23 -13.38 27.31 8.00
CA LYS A 23 -12.09 26.85 7.51
C LYS A 23 -11.12 27.06 8.67
N CYS A 24 -10.19 26.13 8.85
CA CYS A 24 -9.16 26.23 9.87
C CYS A 24 -7.84 25.65 9.38
N ARG A 25 -6.82 25.86 10.17
CA ARG A 25 -5.50 25.45 9.78
C ARG A 25 -4.85 24.72 10.94
N GLN A 26 -4.35 23.53 10.66
CA GLN A 26 -3.67 22.71 11.63
C GLN A 26 -2.36 23.39 11.92
N LYS A 27 -2.10 23.77 13.17
CA LYS A 27 -0.89 24.50 13.57
C LYS A 27 0.42 23.75 13.37
N GLY A 28 0.42 22.43 13.52
CA GLY A 28 1.65 21.67 13.35
C GLY A 28 2.12 21.51 11.91
N THR A 29 1.20 21.49 10.96
CA THR A 29 1.47 21.16 9.56
C THR A 29 1.18 22.26 8.53
N GLY A 30 0.32 23.24 8.84
CA GLY A 30 -0.18 24.17 7.85
C GLY A 30 -1.33 23.66 6.98
N LYS A 31 -1.79 22.42 7.20
CA LYS A 31 -2.85 21.82 6.37
C LYS A 31 -4.21 22.38 6.76
N GLU A 32 -5.06 22.57 5.76
CA GLU A 32 -6.35 23.16 5.95
C GLU A 32 -7.45 22.14 6.16
N TYR A 33 -8.37 22.51 7.03
CA TYR A 33 -9.49 21.65 7.37
C TYR A 33 -10.71 22.51 7.50
N ALA A 34 -11.85 21.84 7.65
CA ALA A 34 -13.10 22.48 8.04
C ALA A 34 -13.38 22.10 9.49
N ALA A 35 -13.81 23.06 10.31
CA ALA A 35 -14.15 22.83 11.70
C ALA A 35 -15.64 23.06 11.81
N LYS A 36 -16.38 22.03 12.26
CA LYS A 36 -17.80 22.14 12.50
C LYS A 36 -18.10 22.19 14.00
N PHE A 37 -18.47 23.39 14.47
CA PHE A 37 -18.81 23.60 15.86
C PHE A 37 -20.26 23.29 16.09
N ILE A 38 -20.59 22.44 17.08
CA ILE A 38 -21.97 22.02 17.32
C ILE A 38 -22.30 22.27 18.78
N LYS A 39 -23.28 23.13 19.02
CA LYS A 39 -23.68 23.50 20.39
C LYS A 39 -24.44 22.32 21.01
N LYS A 40 -24.08 21.95 22.23
CA LYS A 40 -24.73 20.87 22.96
C LYS A 40 -25.82 21.38 23.88
N ARG A 41 -26.99 20.75 23.80
CA ARG A 41 -27.99 20.83 24.88
C ARG A 41 -27.48 20.48 26.27
N ARG A 42 -27.53 21.47 27.14
CA ARG A 42 -27.37 21.20 28.58
C ARG A 42 -28.65 21.45 29.31
N ARG A 48 -32.51 24.39 22.92
CA ARG A 48 -31.41 25.11 23.50
C ARG A 48 -30.02 24.64 23.02
N GLY A 49 -29.99 23.78 22.01
CA GLY A 49 -28.81 23.01 21.60
C GLY A 49 -29.19 21.73 20.85
N VAL A 50 -28.21 20.93 20.47
CA VAL A 50 -28.45 19.63 19.80
C VAL A 50 -28.31 18.55 20.85
N SER A 51 -29.20 17.56 20.85
CA SER A 51 -29.13 16.51 21.89
C SER A 51 -27.90 15.65 21.73
N ARG A 52 -27.41 15.13 22.85
CA ARG A 52 -26.26 14.26 22.87
C ARG A 52 -26.41 13.08 21.91
N GLU A 53 -27.64 12.55 21.85
CA GLU A 53 -27.99 11.43 21.00
C GLU A 53 -27.81 11.75 19.52
N GLU A 54 -28.17 12.96 19.08
CA GLU A 54 -28.01 13.33 17.67
C GLU A 54 -26.57 13.57 17.27
N ILE A 55 -25.75 14.01 18.21
CA ILE A 55 -24.37 14.29 17.94
C ILE A 55 -23.63 12.98 17.76
N GLU A 56 -23.82 12.07 18.73
CA GLU A 56 -23.27 10.72 18.63
C GLU A 56 -23.65 10.02 17.31
N ARG A 57 -24.91 10.12 16.91
CA ARG A 57 -25.33 9.51 15.66
C ARG A 57 -24.51 10.04 14.49
N GLU A 58 -24.35 11.36 14.40
CA GLU A 58 -23.60 11.96 13.30
C GLU A 58 -22.16 11.50 13.33
N VAL A 59 -21.58 11.50 14.51
CA VAL A 59 -20.18 11.19 14.71
C VAL A 59 -19.88 9.71 14.44
N ASN A 60 -20.74 8.81 14.96
CA ASN A 60 -20.56 7.39 14.73
C ASN A 60 -20.68 7.09 13.27
N ILE A 61 -21.56 7.80 12.56
CA ILE A 61 -21.70 7.57 11.14
C ILE A 61 -20.42 8.03 10.41
N LEU A 62 -19.92 9.22 10.74
CA LEU A 62 -18.69 9.71 10.11
C LEU A 62 -17.49 8.83 10.43
N ARG A 63 -17.40 8.34 11.65
CA ARG A 63 -16.31 7.42 12.05
C ARG A 63 -16.28 6.15 11.19
N GLU A 64 -17.45 5.59 10.95
CA GLU A 64 -17.59 4.36 10.21
C GLU A 64 -17.33 4.47 8.70
N ILE A 65 -17.45 5.65 8.12
CA ILE A 65 -17.37 5.77 6.66
C ILE A 65 -16.00 6.23 6.22
N ARG A 66 -15.40 5.45 5.33
CA ARG A 66 -14.15 5.77 4.65
C ARG A 66 -14.31 5.50 3.17
N HIS A 67 -14.48 6.56 2.37
CA HIS A 67 -14.70 6.45 0.91
C HIS A 67 -14.23 7.75 0.24
N PRO A 68 -13.58 7.66 -0.95
CA PRO A 68 -13.05 8.88 -1.59
C PRO A 68 -14.08 9.92 -1.99
N ASN A 69 -15.33 9.51 -2.19
CA ASN A 69 -16.42 10.45 -2.50
C ASN A 69 -17.25 10.92 -1.33
N ILE A 70 -16.73 10.73 -0.13
CA ILE A 70 -17.44 11.10 1.08
C ILE A 70 -16.47 11.83 1.96
N ILE A 71 -16.95 12.90 2.58
CA ILE A 71 -16.14 13.73 3.49
C ILE A 71 -15.56 12.88 4.63
N THR A 72 -14.30 13.16 4.95
CA THR A 72 -13.57 12.45 5.99
C THR A 72 -13.55 13.25 7.29
N LEU A 73 -13.93 12.62 8.39
CA LEU A 73 -13.80 13.16 9.72
C LEU A 73 -12.39 12.93 10.21
N HIS A 74 -11.67 14.01 10.50
CA HIS A 74 -10.27 13.90 10.89
C HIS A 74 -10.06 13.80 12.41
N ASP A 75 -10.77 14.61 13.20
CA ASP A 75 -10.58 14.58 14.63
C ASP A 75 -11.85 15.12 15.29
N ILE A 76 -11.93 14.98 16.62
CA ILE A 76 -13.04 15.43 17.45
C ILE A 76 -12.47 16.15 18.72
N PHE A 77 -13.17 17.18 19.14
CA PHE A 77 -12.95 17.86 20.43
C PHE A 77 -14.29 18.05 21.10
N GLU A 78 -14.28 17.99 22.40
CA GLU A 78 -15.50 18.10 23.17
C GLU A 78 -15.16 18.75 24.50
N ASN A 79 -15.87 19.83 24.81
CA ASN A 79 -15.90 20.41 26.13
C ASN A 79 -17.34 20.34 26.61
N LYS A 80 -17.67 20.97 27.74
CA LYS A 80 -19.03 20.94 28.31
C LYS A 80 -20.11 21.52 27.43
N THR A 81 -19.76 22.48 26.59
CA THR A 81 -20.75 23.23 25.83
C THR A 81 -20.81 22.89 24.38
N ASP A 82 -19.75 22.30 23.83
CA ASP A 82 -19.65 22.16 22.36
C ASP A 82 -18.90 20.92 21.94
N VAL A 83 -19.27 20.45 20.75
CA VAL A 83 -18.51 19.44 20.07
C VAL A 83 -17.94 20.09 18.81
N VAL A 84 -16.64 19.94 18.59
CA VAL A 84 -16.00 20.40 17.37
C VAL A 84 -15.50 19.24 16.54
N LEU A 85 -16.00 19.12 15.31
CA LEU A 85 -15.53 18.13 14.38
C LEU A 85 -14.55 18.72 13.39
N ILE A 86 -13.34 18.16 13.32
CA ILE A 86 -12.37 18.59 12.33
C ILE A 86 -12.61 17.69 11.12
N LEU A 87 -13.00 18.29 10.00
CA LEU A 87 -13.39 17.57 8.82
C LEU A 87 -12.46 17.96 7.67
N GLU A 88 -12.47 17.15 6.65
CA GLU A 88 -11.72 17.40 5.44
C GLU A 88 -12.26 18.67 4.82
N LEU A 89 -11.38 19.53 4.35
CA LEU A 89 -11.80 20.74 3.66
C LEU A 89 -12.05 20.51 2.16
N VAL A 90 -13.24 20.86 1.70
CA VAL A 90 -13.51 20.83 0.25
C VAL A 90 -13.39 22.24 -0.31
N SER A 91 -12.40 22.46 -1.18
CA SER A 91 -12.10 23.79 -1.69
C SER A 91 -12.72 24.11 -3.06
N GLY A 92 -13.44 23.17 -3.64
CA GLY A 92 -13.90 23.31 -5.00
C GLY A 92 -15.27 23.90 -5.17
N GLY A 93 -16.02 24.04 -4.08
CA GLY A 93 -17.35 24.67 -4.18
C GLY A 93 -18.41 23.66 -4.53
N GLU A 94 -19.63 24.14 -4.70
CA GLU A 94 -20.75 23.23 -5.01
C GLU A 94 -20.65 22.75 -6.45
N LEU A 95 -21.03 21.51 -6.70
CA LEU A 95 -20.95 20.92 -8.04
C LEU A 95 -21.66 21.79 -9.07
N PHE A 96 -22.92 22.10 -8.80
CA PHE A 96 -23.76 22.79 -9.75
C PHE A 96 -23.19 24.17 -10.07
N ASP A 97 -22.52 24.78 -9.11
CA ASP A 97 -21.85 26.05 -9.37
C ASP A 97 -20.71 25.95 -10.33
N PHE A 98 -19.95 24.88 -10.27
CA PHE A 98 -18.91 24.59 -11.23
C PHE A 98 -19.53 24.33 -12.60
N LEU A 99 -20.64 23.60 -12.65
CA LEU A 99 -21.25 23.31 -13.94
C LEU A 99 -21.76 24.56 -14.63
N ALA A 100 -22.26 25.53 -13.87
CA ALA A 100 -22.61 26.88 -14.42
C ALA A 100 -21.44 27.78 -14.90
N GLU A 101 -20.21 27.31 -14.81
CA GLU A 101 -18.99 27.93 -15.36
C GLU A 101 -18.57 27.26 -16.64
N LYS A 102 -19.18 26.12 -16.95
CA LYS A 102 -18.81 25.35 -18.13
C LYS A 102 -19.65 25.86 -19.28
N GLU A 103 -19.00 25.99 -20.44
CA GLU A 103 -19.68 26.38 -21.69
C GLU A 103 -20.89 25.50 -21.96
N SER A 104 -20.63 24.19 -22.10
CA SER A 104 -21.69 23.19 -22.37
C SER A 104 -21.49 22.04 -21.42
N LEU A 105 -22.39 21.07 -21.43
CA LEU A 105 -22.23 19.83 -20.64
C LEU A 105 -22.90 18.66 -21.39
N THR A 106 -22.10 17.74 -21.89
CA THR A 106 -22.58 16.52 -22.58
C THR A 106 -23.13 15.53 -21.55
N GLU A 107 -23.92 14.58 -22.02
CA GLU A 107 -24.37 13.44 -21.20
C GLU A 107 -23.22 12.55 -20.70
N ASP A 108 -22.17 12.40 -21.49
CA ASP A 108 -20.97 11.71 -21.01
C ASP A 108 -20.33 12.39 -19.80
N GLU A 109 -20.08 13.69 -19.90
CA GLU A 109 -19.43 14.45 -18.84
C GLU A 109 -20.35 14.49 -17.62
N ALA A 110 -21.65 14.67 -17.85
CA ALA A 110 -22.60 14.61 -16.74
C ALA A 110 -22.59 13.25 -16.00
N THR A 111 -22.60 12.16 -16.75
CA THR A 111 -22.65 10.84 -16.14
C THR A 111 -21.36 10.52 -15.35
N GLN A 112 -20.25 11.10 -15.75
CA GLN A 112 -19.02 10.94 -14.99
C GLN A 112 -19.13 11.56 -13.59
N PHE A 113 -19.75 12.71 -13.45
CA PHE A 113 -20.05 13.28 -12.12
C PHE A 113 -21.05 12.47 -11.39
N LEU A 114 -22.14 12.18 -12.03
CA LEU A 114 -23.20 11.35 -11.40
C LEU A 114 -22.68 9.99 -10.86
N LYS A 115 -21.83 9.32 -11.62
CA LYS A 115 -21.24 8.06 -11.18
C LYS A 115 -20.46 8.20 -9.86
N GLN A 116 -19.81 9.32 -9.64
CA GLN A 116 -19.14 9.56 -8.37
C GLN A 116 -20.11 9.63 -7.19
N ILE A 117 -21.22 10.32 -7.37
CA ILE A 117 -22.28 10.40 -6.36
C ILE A 117 -22.86 8.98 -6.07
N LEU A 118 -23.10 8.24 -7.15
CA LEU A 118 -23.61 6.88 -7.04
C LEU A 118 -22.66 5.96 -6.29
N ASP A 119 -21.35 6.09 -6.54
CA ASP A 119 -20.36 5.26 -5.83
C ASP A 119 -20.39 5.58 -4.34
N GLY A 120 -20.47 6.88 -4.03
CA GLY A 120 -20.56 7.31 -2.66
C GLY A 120 -21.76 6.71 -1.95
N VAL A 121 -22.93 6.81 -2.59
CA VAL A 121 -24.19 6.35 -2.01
C VAL A 121 -24.23 4.82 -1.92
N HIS A 122 -23.58 4.16 -2.88
CA HIS A 122 -23.45 2.73 -2.85
C HIS A 122 -22.67 2.29 -1.62
N TYR A 123 -21.60 3.00 -1.30
CA TYR A 123 -20.85 2.68 -0.11
C TYR A 123 -21.73 2.85 1.14
N LEU A 124 -22.40 4.00 1.24
CA LEU A 124 -23.31 4.28 2.35
C LEU A 124 -24.37 3.21 2.52
N HIS A 125 -25.09 2.92 1.45
CA HIS A 125 -26.17 1.96 1.47
C HIS A 125 -25.69 0.54 1.76
N SER A 126 -24.48 0.22 1.37
CA SER A 126 -23.95 -1.10 1.71
C SER A 126 -23.68 -1.22 3.22
N LYS A 127 -23.60 -0.10 3.93
CA LYS A 127 -23.48 -0.05 5.40
C LYS A 127 -24.81 0.24 6.11
N ARG A 128 -25.89 0.22 5.33
CA ARG A 128 -27.23 0.54 5.78
C ARG A 128 -27.38 1.98 6.26
N ILE A 129 -26.59 2.89 5.72
CA ILE A 129 -26.67 4.30 6.08
C ILE A 129 -27.40 5.07 4.98
N ALA A 130 -28.50 5.72 5.37
CA ALA A 130 -29.17 6.69 4.55
C ALA A 130 -28.66 8.09 4.91
N HIS A 131 -28.37 8.88 3.88
CA HIS A 131 -27.92 10.23 4.03
C HIS A 131 -29.10 11.15 4.39
N PHE A 132 -30.21 10.99 3.65
CA PHE A 132 -31.47 11.71 3.79
C PHE A 132 -31.46 13.19 3.42
N ASP A 133 -30.32 13.72 3.00
CA ASP A 133 -30.21 15.16 2.68
C ASP A 133 -29.40 15.38 1.38
N LEU A 134 -29.56 14.47 0.44
CA LEU A 134 -28.86 14.60 -0.86
C LEU A 134 -29.57 15.67 -1.66
N LYS A 135 -28.84 16.69 -2.02
CA LYS A 135 -29.33 17.83 -2.77
C LYS A 135 -28.08 18.57 -3.24
N PRO A 136 -28.20 19.42 -4.26
CA PRO A 136 -27.01 20.10 -4.87
C PRO A 136 -26.05 20.75 -3.90
N GLU A 137 -26.58 21.48 -2.91
CA GLU A 137 -25.78 22.14 -1.84
C GLU A 137 -24.81 21.21 -1.10
N ASN A 138 -25.20 19.96 -0.94
CA ASN A 138 -24.37 18.96 -0.26
C ASN A 138 -23.48 18.10 -1.16
N ILE A 139 -23.45 18.37 -2.48
CA ILE A 139 -22.51 17.72 -3.44
C ILE A 139 -21.40 18.71 -3.75
N MET A 140 -20.22 18.50 -3.19
CA MET A 140 -19.12 19.43 -3.34
C MET A 140 -18.03 18.85 -4.23
N LEU A 141 -17.17 19.71 -4.74
CA LEU A 141 -15.92 19.30 -5.35
C LEU A 141 -14.80 19.59 -4.42
N LEU A 142 -13.85 18.68 -4.32
CA LEU A 142 -12.67 18.88 -3.46
C LEU A 142 -11.67 19.95 -3.97
N ASP A 143 -11.47 20.03 -5.29
CA ASP A 143 -10.58 21.00 -5.94
C ASP A 143 -11.12 21.07 -7.36
N LYS A 144 -11.69 22.22 -7.72
CA LYS A 144 -12.28 22.40 -9.06
C LYS A 144 -11.29 22.71 -10.16
N ASN A 145 -9.99 22.81 -9.88
CA ASN A 145 -8.98 23.16 -10.87
C ASN A 145 -8.26 22.00 -11.61
N VAL A 146 -8.42 20.77 -11.14
CA VAL A 146 -7.80 19.59 -11.72
C VAL A 146 -8.58 19.15 -12.98
N PRO A 147 -7.95 18.34 -13.87
CA PRO A 147 -8.66 17.77 -15.04
C PRO A 147 -9.98 17.07 -14.77
N ASN A 148 -10.05 16.21 -13.74
CA ASN A 148 -11.30 15.51 -13.37
C ASN A 148 -11.64 15.66 -11.89
N PRO A 149 -12.47 16.65 -11.55
CA PRO A 149 -12.59 16.90 -10.10
C PRO A 149 -13.32 15.81 -9.39
N ARG A 150 -12.97 15.68 -8.12
CA ARG A 150 -13.54 14.65 -7.26
C ARG A 150 -14.71 15.22 -6.49
N ILE A 151 -15.82 14.51 -6.52
CA ILE A 151 -17.03 14.84 -5.77
C ILE A 151 -16.91 14.35 -4.36
N LYS A 152 -17.41 15.15 -3.41
CA LYS A 152 -17.51 14.77 -1.99
C LYS A 152 -18.91 15.02 -1.49
N LEU A 153 -19.52 14.02 -0.90
CA LEU A 153 -20.75 14.21 -0.16
C LEU A 153 -20.46 14.73 1.24
N ILE A 154 -21.23 15.76 1.63
CA ILE A 154 -21.12 16.38 2.92
C ILE A 154 -22.45 16.37 3.66
N ASP A 155 -22.32 16.70 4.93
CA ASP A 155 -23.43 16.99 5.84
C ASP A 155 -24.26 15.77 6.16
N PHE A 156 -23.77 15.05 7.18
CA PHE A 156 -24.43 13.84 7.69
C PHE A 156 -25.26 14.17 8.93
N GLY A 157 -25.78 15.41 8.94
CA GLY A 157 -26.54 15.93 10.04
C GLY A 157 -27.86 15.24 10.29
N ILE A 158 -28.47 14.68 9.26
CA ILE A 158 -29.69 13.85 9.48
C ILE A 158 -29.55 12.42 8.97
N ALA A 159 -28.33 11.98 8.69
CA ALA A 159 -28.10 10.62 8.26
C ALA A 159 -28.51 9.60 9.34
N HIS A 160 -28.95 8.42 8.94
CA HIS A 160 -29.39 7.40 9.89
C HIS A 160 -29.05 5.97 9.41
N LYS A 161 -28.62 5.11 10.33
CA LYS A 161 -28.57 3.68 10.09
C LYS A 161 -29.98 3.16 10.04
N ILE A 162 -30.33 2.41 9.01
CA ILE A 162 -31.65 1.82 8.90
C ILE A 162 -31.67 0.36 9.42
N GLU A 163 -32.40 0.11 10.50
CA GLU A 163 -32.44 -1.18 11.20
C GLU A 163 -33.72 -1.90 10.82
N ALA A 164 -33.63 -3.15 10.33
CA ALA A 164 -34.83 -3.90 9.95
C ALA A 164 -35.59 -4.30 11.22
N GLY A 165 -36.92 -4.26 11.14
CA GLY A 165 -37.80 -4.42 12.31
C GLY A 165 -37.97 -3.16 13.15
N ASN A 166 -37.53 -2.02 12.60
CA ASN A 166 -37.67 -0.71 13.21
C ASN A 166 -38.21 0.19 12.10
N GLU A 167 -39.44 0.68 12.28
CA GLU A 167 -39.99 1.73 11.45
C GLU A 167 -39.28 3.06 11.82
N PHE A 168 -38.92 3.82 10.81
CA PHE A 168 -38.36 5.12 11.00
C PHE A 168 -39.20 6.10 10.16
N LYS A 169 -39.78 7.07 10.87
CA LYS A 169 -40.49 8.16 10.28
C LYS A 169 -39.94 9.50 10.71
N ASN A 170 -39.84 10.44 9.80
CA ASN A 170 -39.45 11.82 10.16
C ASN A 170 -39.87 12.81 9.09
N ILE A 171 -39.95 14.06 9.46
CA ILE A 171 -40.11 15.14 8.46
C ILE A 171 -38.83 15.97 8.52
N PHE A 172 -38.09 15.93 7.42
CA PHE A 172 -36.81 16.61 7.35
C PHE A 172 -36.39 16.80 5.89
N GLY A 173 -35.24 17.43 5.66
CA GLY A 173 -34.71 17.64 4.29
C GLY A 173 -35.24 18.96 3.77
N THR A 174 -34.91 19.25 2.52
CA THR A 174 -35.39 20.44 1.82
C THR A 174 -36.54 20.01 0.88
N PRO A 175 -37.76 20.54 1.05
CA PRO A 175 -38.96 20.05 0.37
C PRO A 175 -38.78 19.65 -1.09
N GLU A 176 -38.24 20.54 -1.87
CA GLU A 176 -37.96 20.30 -3.32
C GLU A 176 -37.30 18.93 -3.64
N PHE A 177 -36.48 18.44 -2.72
CA PHE A 177 -35.64 17.26 -2.93
C PHE A 177 -36.03 15.98 -2.20
N VAL A 178 -37.11 16.01 -1.44
CA VAL A 178 -37.49 14.88 -0.58
C VAL A 178 -38.45 13.93 -1.29
N ALA A 179 -38.35 12.66 -0.95
CA ALA A 179 -39.24 11.64 -1.48
C ALA A 179 -40.67 11.82 -0.94
N PRO A 180 -41.65 11.24 -1.63
CA PRO A 180 -43.06 11.33 -1.17
C PRO A 180 -43.32 10.68 0.18
N GLU A 181 -42.51 9.70 0.54
CA GLU A 181 -42.63 9.08 1.85
C GLU A 181 -42.24 10.01 2.98
N ILE A 182 -41.39 11.00 2.69
CA ILE A 182 -41.14 12.07 3.69
C ILE A 182 -42.33 13.00 3.75
N VAL A 183 -42.84 13.39 2.59
CA VAL A 183 -43.98 14.30 2.52
C VAL A 183 -45.19 13.72 3.22
N ASN A 184 -45.46 12.44 2.98
CA ASN A 184 -46.63 11.76 3.53
C ASN A 184 -46.45 11.16 4.92
N TYR A 185 -45.29 11.32 5.54
CA TYR A 185 -45.06 10.74 6.88
C TYR A 185 -45.36 9.21 6.88
N GLU A 186 -44.63 8.54 5.97
CA GLU A 186 -44.65 7.11 5.78
C GLU A 186 -43.25 6.54 6.06
N PRO A 187 -43.16 5.20 6.22
CA PRO A 187 -41.87 4.64 6.64
C PRO A 187 -40.73 4.94 5.68
N LEU A 188 -39.58 5.27 6.25
CA LEU A 188 -38.42 5.71 5.50
C LEU A 188 -37.32 4.65 5.48
N GLY A 189 -36.48 4.73 4.46
CA GLY A 189 -35.31 3.88 4.37
C GLY A 189 -34.35 4.42 3.35
N LEU A 190 -33.54 3.49 2.81
CA LEU A 190 -32.51 3.79 1.81
C LEU A 190 -33.10 4.32 0.52
N GLU A 191 -34.36 4.00 0.26
CA GLU A 191 -35.02 4.36 -1.00
C GLU A 191 -35.17 5.88 -1.14
N ALA A 192 -35.30 6.58 -0.02
CA ALA A 192 -35.43 8.05 -0.07
C ALA A 192 -34.21 8.72 -0.75
N ASP A 193 -33.00 8.22 -0.53
CA ASP A 193 -31.83 8.75 -1.17
C ASP A 193 -31.91 8.63 -2.73
N MET A 194 -32.51 7.54 -3.20
CA MET A 194 -32.59 7.25 -4.63
C MET A 194 -33.55 8.19 -5.33
N TRP A 195 -34.69 8.47 -4.71
CA TRP A 195 -35.55 9.54 -5.18
C TRP A 195 -34.75 10.84 -5.36
N SER A 196 -34.03 11.24 -4.30
CA SER A 196 -33.26 12.48 -4.33
C SER A 196 -32.20 12.46 -5.44
N ILE A 197 -31.58 11.30 -5.70
CA ILE A 197 -30.68 11.15 -6.84
C ILE A 197 -31.41 11.37 -8.18
N GLY A 198 -32.66 10.94 -8.27
CA GLY A 198 -33.49 11.22 -9.44
C GLY A 198 -33.75 12.70 -9.69
N VAL A 199 -33.99 13.42 -8.60
CA VAL A 199 -34.20 14.88 -8.64
C VAL A 199 -32.90 15.59 -9.07
N ILE A 200 -31.81 15.21 -8.43
CA ILE A 200 -30.50 15.77 -8.81
C ILE A 200 -30.18 15.53 -10.29
N THR A 201 -30.46 14.33 -10.77
CA THR A 201 -30.17 13.96 -12.16
C THR A 201 -31.01 14.81 -13.12
N TYR A 202 -32.30 14.97 -12.83
CA TYR A 202 -33.18 15.83 -13.59
C TYR A 202 -32.59 17.25 -13.73
N ILE A 203 -32.11 17.80 -12.60
CA ILE A 203 -31.58 19.14 -12.58
C ILE A 203 -30.26 19.21 -13.36
N LEU A 204 -29.41 18.22 -13.18
CA LEU A 204 -28.14 18.13 -13.93
C LEU A 204 -28.30 18.29 -15.46
N LEU A 205 -29.30 17.62 -16.01
CA LEU A 205 -29.50 17.56 -17.47
C LEU A 205 -30.28 18.73 -18.07
N SER A 206 -31.12 19.35 -17.25
CA SER A 206 -32.07 20.36 -17.68
C SER A 206 -31.83 21.73 -17.09
N GLY A 207 -31.29 21.76 -15.89
CA GLY A 207 -31.23 23.00 -15.12
C GLY A 207 -32.56 23.45 -14.56
N ALA A 208 -33.59 22.59 -14.56
CA ALA A 208 -34.87 22.87 -13.98
C ALA A 208 -35.15 21.86 -12.85
N SER A 209 -35.95 22.27 -11.87
CA SER A 209 -36.30 21.42 -10.75
C SER A 209 -37.58 20.71 -11.09
N PRO A 210 -37.67 19.38 -10.96
CA PRO A 210 -38.86 18.68 -11.48
C PRO A 210 -40.20 18.97 -10.74
N PHE A 211 -40.17 19.18 -9.41
CA PHE A 211 -41.42 19.30 -8.62
C PHE A 211 -41.75 20.68 -8.05
N LEU A 212 -40.77 21.57 -8.16
CA LEU A 212 -40.89 22.91 -7.64
C LEU A 212 -42.14 23.58 -8.16
N GLY A 213 -42.99 24.06 -7.26
CA GLY A 213 -44.19 24.82 -7.63
C GLY A 213 -44.01 26.28 -7.22
N GLU A 214 -45.08 27.04 -7.36
CA GLU A 214 -45.10 28.47 -7.00
C GLU A 214 -45.05 28.72 -5.47
N THR A 215 -45.36 27.69 -4.67
CA THR A 215 -45.33 27.73 -3.19
C THR A 215 -44.89 26.38 -2.69
N LYS A 216 -44.52 26.29 -1.41
CA LYS A 216 -44.22 25.02 -0.76
C LYS A 216 -45.40 24.06 -0.90
N GLN A 217 -46.61 24.58 -0.72
CA GLN A 217 -47.79 23.78 -0.81
C GLN A 217 -47.94 23.05 -2.19
N GLU A 218 -47.67 23.76 -3.29
CA GLU A 218 -47.66 23.14 -4.62
C GLU A 218 -46.55 22.13 -4.80
N THR A 219 -45.37 22.48 -4.36
CA THR A 219 -44.24 21.58 -4.45
C THR A 219 -44.57 20.22 -3.80
N LEU A 220 -45.14 20.24 -2.61
CA LEU A 220 -45.42 19.02 -1.84
C LEU A 220 -46.49 18.18 -2.53
N THR A 221 -47.53 18.85 -3.05
CA THR A 221 -48.56 18.22 -3.92
C THR A 221 -47.95 17.53 -5.13
N ASN A 222 -47.02 18.21 -5.81
CA ASN A 222 -46.42 17.67 -7.00
C ASN A 222 -45.58 16.48 -6.67
N ILE A 223 -44.84 16.55 -5.57
CA ILE A 223 -44.04 15.40 -5.11
C ILE A 223 -44.93 14.21 -4.71
N SER A 224 -45.98 14.46 -3.97
CA SER A 224 -46.85 13.41 -3.48
C SER A 224 -47.61 12.69 -4.63
N ALA A 225 -48.01 13.44 -5.66
CA ALA A 225 -48.63 12.86 -6.84
C ALA A 225 -47.63 12.43 -7.93
N VAL A 226 -46.35 12.73 -7.75
CA VAL A 226 -45.34 12.50 -8.77
C VAL A 226 -45.77 13.19 -10.08
N ASN A 227 -45.99 14.50 -10.01
CA ASN A 227 -46.40 15.32 -11.13
C ASN A 227 -45.16 16.02 -11.62
N TYR A 228 -44.56 15.50 -12.68
CA TYR A 228 -43.47 16.13 -13.40
C TYR A 228 -43.53 15.78 -14.85
N ASP A 229 -42.78 16.49 -15.69
CA ASP A 229 -42.68 16.13 -17.10
C ASP A 229 -41.28 16.31 -17.65
N PHE A 230 -41.09 15.87 -18.89
CA PHE A 230 -39.84 16.12 -19.62
C PHE A 230 -40.13 17.09 -20.73
N ASP A 231 -40.42 18.33 -20.34
CA ASP A 231 -40.71 19.39 -21.33
C ASP A 231 -39.61 19.44 -22.39
N GLU A 232 -40.02 19.36 -23.64
CA GLU A 232 -39.14 19.51 -24.80
C GLU A 232 -38.28 20.80 -24.80
N GLU A 233 -38.75 21.88 -24.20
CA GLU A 233 -37.92 23.08 -23.97
C GLU A 233 -36.64 22.78 -23.18
N TYR A 234 -36.70 21.88 -22.19
CA TYR A 234 -35.53 21.54 -21.40
C TYR A 234 -34.85 20.25 -21.81
N PHE A 235 -35.62 19.28 -22.32
CA PHE A 235 -35.10 17.93 -22.57
C PHE A 235 -34.92 17.48 -24.02
N SER A 236 -34.97 18.38 -25.01
CA SER A 236 -34.91 17.93 -26.42
C SER A 236 -33.57 17.30 -26.81
N ASN A 237 -32.50 17.66 -26.09
CA ASN A 237 -31.19 17.02 -26.34
C ASN A 237 -30.91 15.81 -25.40
N THR A 238 -31.92 15.28 -24.74
CA THR A 238 -31.73 14.24 -23.70
C THR A 238 -32.10 12.85 -24.28
N SER A 239 -31.21 11.89 -24.12
CA SER A 239 -31.43 10.51 -24.59
C SER A 239 -32.58 9.83 -23.89
N GLU A 240 -33.17 8.85 -24.58
CA GLU A 240 -34.21 8.01 -24.00
C GLU A 240 -33.70 7.25 -22.75
N LEU A 241 -32.43 6.85 -22.81
CA LEU A 241 -31.78 6.20 -21.69
C LEU A 241 -31.73 7.03 -20.43
N ALA A 242 -31.28 8.27 -20.53
CA ALA A 242 -31.25 9.22 -19.39
C ALA A 242 -32.63 9.47 -18.81
N LYS A 243 -33.63 9.59 -19.66
CA LYS A 243 -35.00 9.73 -19.17
C LYS A 243 -35.49 8.48 -18.47
N ASP A 244 -35.13 7.31 -19.01
CA ASP A 244 -35.51 6.08 -18.33
C ASP A 244 -34.85 5.97 -16.93
N PHE A 245 -33.58 6.34 -16.85
CA PHE A 245 -32.87 6.33 -15.60
C PHE A 245 -33.59 7.20 -14.55
N ILE A 246 -33.99 8.40 -14.93
CA ILE A 246 -34.74 9.28 -14.01
C ILE A 246 -36.11 8.73 -13.64
N ARG A 247 -36.86 8.31 -14.65
CA ARG A 247 -38.21 7.68 -14.50
C ARG A 247 -38.21 6.50 -13.52
N ARG A 248 -37.12 5.73 -13.47
CA ARG A 248 -37.00 4.61 -12.54
C ARG A 248 -36.71 4.99 -11.10
N LEU A 249 -36.34 6.25 -10.89
CA LEU A 249 -36.06 6.77 -9.57
C LEU A 249 -37.20 7.61 -9.02
N LEU A 250 -37.86 8.38 -9.89
CA LEU A 250 -39.02 9.18 -9.47
C LEU A 250 -40.29 8.31 -9.46
N VAL A 251 -40.33 7.38 -8.53
CA VAL A 251 -41.36 6.38 -8.43
C VAL A 251 -41.93 6.47 -7.05
N LYS A 252 -43.26 6.53 -6.97
CA LYS A 252 -43.91 6.76 -5.68
C LYS A 252 -43.64 5.65 -4.69
N ASP A 253 -43.87 4.42 -5.10
CA ASP A 253 -43.75 3.28 -4.20
C ASP A 253 -42.28 3.03 -3.99
N PRO A 254 -41.79 3.18 -2.75
CA PRO A 254 -40.36 3.01 -2.56
C PRO A 254 -39.87 1.60 -2.88
N LYS A 255 -40.72 0.61 -2.69
CA LYS A 255 -40.39 -0.78 -3.07
C LYS A 255 -40.25 -1.04 -4.58
N ARG A 256 -40.75 -0.16 -5.43
CA ARG A 256 -40.58 -0.28 -6.86
C ARG A 256 -39.48 0.58 -7.43
N ARG A 257 -38.88 1.42 -6.58
CA ARG A 257 -37.92 2.39 -7.04
C ARG A 257 -36.62 1.68 -7.24
N MET A 258 -35.88 2.10 -8.26
CA MET A 258 -34.57 1.53 -8.54
C MET A 258 -33.64 1.72 -7.33
N THR A 259 -32.93 0.67 -6.93
CA THR A 259 -31.93 0.74 -5.87
C THR A 259 -30.58 1.17 -6.38
N ILE A 260 -29.66 1.43 -5.45
CA ILE A 260 -28.33 1.94 -5.81
C ILE A 260 -27.50 0.98 -6.69
N ALA A 261 -27.51 -0.33 -6.38
CA ALA A 261 -26.81 -1.31 -7.21
C ALA A 261 -27.40 -1.41 -8.62
N GLN A 262 -28.72 -1.42 -8.71
CA GLN A 262 -29.41 -1.44 -9.99
C GLN A 262 -29.03 -0.20 -10.81
N SER A 263 -28.93 0.96 -10.15
CA SER A 263 -28.61 2.21 -10.83
C SER A 263 -27.21 2.22 -11.46
N LEU A 264 -26.23 1.57 -10.80
CA LEU A 264 -24.86 1.40 -11.34
C LEU A 264 -24.78 0.42 -12.50
N GLU A 265 -25.78 -0.43 -12.62
CA GLU A 265 -25.83 -1.46 -13.65
C GLU A 265 -26.72 -1.01 -14.86
N HIS A 266 -27.44 0.11 -14.72
CA HIS A 266 -28.32 0.63 -15.75
C HIS A 266 -27.53 1.11 -16.96
N SER A 267 -28.07 0.94 -18.16
CA SER A 267 -27.26 1.12 -19.40
C SER A 267 -26.64 2.50 -19.61
N TRP A 268 -27.38 3.54 -19.21
CA TRP A 268 -26.93 4.93 -19.21
C TRP A 268 -25.65 5.16 -18.42
N ILE A 269 -25.54 4.52 -17.27
CA ILE A 269 -24.34 4.63 -16.44
C ILE A 269 -23.23 3.72 -16.92
N LYS A 270 -23.59 2.49 -17.29
CA LYS A 270 -22.65 1.49 -17.83
C LYS A 270 -21.94 1.96 -19.13
N ALA A 271 -22.65 2.70 -19.99
CA ALA A 271 -22.12 3.15 -21.31
C ALA A 271 -20.70 3.78 -21.47
N SER B 1 -11.31 -28.50 -10.36
CA SER B 1 -9.87 -28.27 -10.79
C SER B 1 -8.96 -29.43 -10.38
N MET B 2 -8.17 -29.93 -11.33
CA MET B 2 -7.19 -30.92 -11.05
C MET B 2 -5.79 -30.24 -10.86
N VAL B 3 -5.17 -30.62 -9.73
CA VAL B 3 -3.84 -30.11 -9.41
C VAL B 3 -2.81 -30.21 -10.56
N GLU B 4 -2.81 -31.31 -11.29
CA GLU B 4 -1.89 -31.49 -12.43
C GLU B 4 -2.13 -30.54 -13.66
N ASP B 5 -3.32 -29.95 -13.77
CA ASP B 5 -3.55 -28.84 -14.71
C ASP B 5 -2.84 -27.54 -14.38
N HIS B 6 -2.54 -27.33 -13.12
CA HIS B 6 -2.02 -26.06 -12.63
C HIS B 6 -0.56 -26.15 -12.21
N TYR B 7 -0.13 -27.28 -11.64
CA TYR B 7 1.21 -27.47 -11.06
C TYR B 7 1.96 -28.70 -11.63
N GLU B 8 3.21 -28.47 -12.01
CA GLU B 8 4.15 -29.53 -12.41
C GLU B 8 4.94 -29.92 -11.18
N MET B 9 4.94 -31.19 -10.84
CA MET B 9 5.65 -31.70 -9.64
C MET B 9 7.12 -31.98 -9.84
N GLY B 10 7.92 -31.77 -8.81
CA GLY B 10 9.35 -31.99 -8.84
C GLY B 10 9.87 -32.74 -7.62
N GLU B 11 11.08 -32.35 -7.21
CA GLU B 11 11.85 -32.93 -6.11
C GLU B 11 11.08 -33.11 -4.82
N GLU B 12 11.18 -34.28 -4.24
CA GLU B 12 10.53 -34.58 -2.97
C GLU B 12 11.32 -33.86 -1.86
N LEU B 13 10.64 -33.22 -0.92
CA LEU B 13 11.28 -32.46 0.15
C LEU B 13 11.08 -33.06 1.55
N GLY B 14 10.11 -33.96 1.71
CA GLY B 14 9.76 -34.48 3.03
C GLY B 14 8.60 -35.42 3.03
N SER B 15 8.62 -36.36 3.97
CA SER B 15 7.59 -37.40 4.09
C SER B 15 7.23 -37.49 5.54
N GLY B 16 5.93 -37.55 5.82
CA GLY B 16 5.37 -37.81 7.15
C GLY B 16 4.59 -39.07 6.97
N GLN B 17 3.68 -39.37 7.91
CA GLN B 17 3.03 -40.70 7.90
C GLN B 17 2.03 -40.83 6.74
N PHE B 18 1.19 -39.82 6.51
CA PHE B 18 0.30 -39.81 5.32
C PHE B 18 0.40 -38.52 4.50
N ALA B 19 1.52 -37.79 4.66
CA ALA B 19 1.80 -36.58 3.90
C ALA B 19 3.13 -36.71 3.14
N ILE B 20 3.17 -36.24 1.91
CA ILE B 20 4.40 -36.09 1.17
C ILE B 20 4.44 -34.68 0.63
N VAL B 21 5.60 -34.05 0.67
CA VAL B 21 5.77 -32.64 0.27
C VAL B 21 6.78 -32.58 -0.85
N ARG B 22 6.39 -32.01 -1.97
CA ARG B 22 7.28 -31.86 -3.13
C ARG B 22 7.36 -30.43 -3.57
N LYS B 23 8.45 -30.10 -4.19
CA LYS B 23 8.62 -28.84 -4.92
C LYS B 23 7.76 -28.97 -6.16
N CYS B 24 7.08 -27.90 -6.54
CA CYS B 24 6.30 -27.85 -7.77
C CYS B 24 6.40 -26.48 -8.44
N ARG B 25 5.88 -26.42 -9.64
CA ARG B 25 6.01 -25.24 -10.42
C ARG B 25 4.66 -24.90 -11.02
N GLN B 26 4.24 -23.66 -10.80
CA GLN B 26 2.97 -23.16 -11.29
C GLN B 26 3.12 -23.02 -12.79
N LYS B 27 2.29 -23.71 -13.56
CA LYS B 27 2.37 -23.74 -15.04
C LYS B 27 2.14 -22.40 -15.72
N GLY B 28 1.29 -21.56 -15.18
CA GLY B 28 1.02 -20.26 -15.82
C GLY B 28 2.14 -19.24 -15.70
N THR B 29 2.89 -19.30 -14.60
CA THR B 29 3.88 -18.29 -14.24
C THR B 29 5.34 -18.73 -14.14
N GLY B 30 5.60 -20.03 -13.99
CA GLY B 30 6.94 -20.51 -13.66
C GLY B 30 7.36 -20.41 -12.19
N LYS B 31 6.48 -19.90 -11.32
CA LYS B 31 6.85 -19.69 -9.91
C LYS B 31 6.84 -21.01 -9.14
N GLU B 32 7.77 -21.14 -8.21
CA GLU B 32 7.94 -22.36 -7.46
C GLU B 32 7.19 -22.36 -6.14
N TYR B 33 6.65 -23.52 -5.81
CA TYR B 33 5.88 -23.71 -4.61
C TYR B 33 6.23 -25.05 -4.03
N ALA B 34 5.74 -25.30 -2.84
CA ALA B 34 5.75 -26.62 -2.22
C ALA B 34 4.34 -27.19 -2.27
N ALA B 35 4.19 -28.44 -2.63
CA ALA B 35 2.90 -29.13 -2.69
C ALA B 35 2.90 -30.17 -1.59
N LYS B 36 1.95 -30.09 -0.67
CA LYS B 36 1.78 -31.06 0.40
C LYS B 36 0.57 -31.94 0.13
N PHE B 37 0.84 -33.20 -0.25
CA PHE B 37 -0.19 -34.19 -0.51
C PHE B 37 -0.56 -34.87 0.79
N ILE B 38 -1.85 -34.91 1.14
CA ILE B 38 -2.32 -35.51 2.39
C ILE B 38 -3.39 -36.55 2.06
N LYS B 39 -3.12 -37.79 2.40
CA LYS B 39 -4.06 -38.88 2.13
C LYS B 39 -5.25 -38.79 3.10
N LYS B 40 -6.45 -38.85 2.58
CA LYS B 40 -7.67 -38.81 3.37
C LYS B 40 -8.18 -40.18 3.73
N ARG B 41 -8.46 -40.39 5.02
CA ARG B 41 -9.33 -41.46 5.47
C ARG B 41 -10.70 -41.20 4.93
N ARG B 48 -5.85 -45.63 7.97
CA ARG B 48 -5.61 -45.70 6.53
C ARG B 48 -5.62 -44.34 5.82
N GLY B 49 -5.32 -43.32 6.61
CA GLY B 49 -5.38 -41.91 6.18
C GLY B 49 -5.51 -40.93 7.35
N VAL B 50 -5.65 -39.64 7.03
CA VAL B 50 -5.84 -38.59 8.03
C VAL B 50 -7.30 -38.25 8.09
N SER B 51 -7.87 -38.05 9.27
CA SER B 51 -9.31 -37.75 9.36
C SER B 51 -9.65 -36.41 8.77
N ARG B 52 -10.86 -36.31 8.24
CA ARG B 52 -11.37 -35.07 7.68
C ARG B 52 -11.25 -33.90 8.66
N GLU B 53 -11.51 -34.20 9.95
CA GLU B 53 -11.45 -33.21 11.00
C GLU B 53 -10.04 -32.64 11.17
N GLU B 54 -9.01 -33.49 11.08
CA GLU B 54 -7.64 -33.02 11.23
C GLU B 54 -7.14 -32.21 10.07
N ILE B 55 -7.66 -32.48 8.88
CA ILE B 55 -7.23 -31.77 7.70
C ILE B 55 -7.81 -30.36 7.74
N GLU B 56 -9.11 -30.27 7.99
CA GLU B 56 -9.77 -28.99 8.21
C GLU B 56 -9.09 -28.11 9.27
N ARG B 57 -8.72 -28.71 10.39
CA ARG B 57 -8.01 -27.98 11.41
C ARG B 57 -6.73 -27.33 10.88
N GLU B 58 -5.93 -28.11 10.16
CA GLU B 58 -4.67 -27.62 9.62
C GLU B 58 -4.93 -26.51 8.63
N VAL B 59 -5.91 -26.73 7.77
CA VAL B 59 -6.22 -25.83 6.67
C VAL B 59 -6.80 -24.51 7.17
N ASN B 60 -7.75 -24.60 8.12
CA ASN B 60 -8.35 -23.41 8.68
C ASN B 60 -7.30 -22.60 9.40
N ILE B 61 -6.35 -23.25 10.05
CA ILE B 61 -5.31 -22.53 10.73
C ILE B 61 -4.42 -21.80 9.68
N LEU B 62 -4.01 -22.49 8.63
CA LEU B 62 -3.19 -21.87 7.59
C LEU B 62 -3.92 -20.73 6.87
N ARG B 63 -5.20 -20.90 6.62
CA ARG B 63 -6.01 -19.85 5.99
C ARG B 63 -6.01 -18.55 6.82
N GLU B 64 -6.16 -18.69 8.12
CA GLU B 64 -6.26 -17.58 9.04
C GLU B 64 -4.94 -16.82 9.26
N ILE B 65 -3.79 -17.44 9.00
CA ILE B 65 -2.53 -16.81 9.36
C ILE B 65 -1.90 -16.14 8.15
N ARG B 66 -1.59 -14.86 8.33
CA ARG B 66 -0.83 -14.07 7.37
C ARG B 66 0.25 -13.32 8.13
N HIS B 67 1.49 -13.78 8.07
CA HIS B 67 2.64 -13.17 8.75
C HIS B 67 3.93 -13.47 7.96
N PRO B 68 4.87 -12.51 7.85
CA PRO B 68 6.10 -12.76 7.09
C PRO B 68 7.00 -13.88 7.58
N ASN B 69 6.92 -14.21 8.87
CA ASN B 69 7.69 -15.33 9.44
C ASN B 69 6.96 -16.65 9.55
N ILE B 70 5.86 -16.77 8.83
CA ILE B 70 5.04 -17.96 8.86
C ILE B 70 4.74 -18.35 7.42
N ILE B 71 4.82 -19.63 7.15
CA ILE B 71 4.52 -20.18 5.82
C ILE B 71 3.12 -19.77 5.33
N THR B 72 3.04 -19.43 4.05
CA THR B 72 1.80 -19.02 3.43
C THR B 72 1.19 -20.16 2.63
N LEU B 73 -0.08 -20.44 2.87
CA LEU B 73 -0.87 -21.39 2.10
C LEU B 73 -1.38 -20.66 0.86
N HIS B 74 -1.01 -21.13 -0.31
CA HIS B 74 -1.38 -20.45 -1.55
C HIS B 74 -2.68 -20.96 -2.18
N ASP B 75 -2.88 -22.27 -2.21
CA ASP B 75 -4.10 -22.79 -2.82
C ASP B 75 -4.39 -24.17 -2.17
N ILE B 76 -5.55 -24.73 -2.48
CA ILE B 76 -6.00 -26.04 -2.07
C ILE B 76 -6.64 -26.80 -3.27
N PHE B 77 -6.40 -28.09 -3.31
CA PHE B 77 -7.10 -29.05 -4.21
C PHE B 77 -7.56 -30.22 -3.39
N GLU B 78 -8.71 -30.74 -3.77
CA GLU B 78 -9.27 -31.88 -3.08
C GLU B 78 -9.99 -32.74 -4.06
N ASN B 79 -9.62 -34.02 -4.09
CA ASN B 79 -10.42 -35.04 -4.78
C ASN B 79 -10.85 -36.02 -3.69
N LYS B 80 -11.46 -37.15 -4.07
CA LYS B 80 -11.97 -38.15 -3.13
C LYS B 80 -10.93 -38.78 -2.21
N THR B 81 -9.69 -38.86 -2.67
CA THR B 81 -8.66 -39.60 -1.94
C THR B 81 -7.65 -38.72 -1.25
N ASP B 82 -7.50 -37.48 -1.70
CA ASP B 82 -6.37 -36.65 -1.24
C ASP B 82 -6.73 -35.16 -1.15
N VAL B 83 -6.01 -34.51 -0.26
CA VAL B 83 -5.97 -33.07 -0.19
C VAL B 83 -4.56 -32.63 -0.56
N VAL B 84 -4.46 -31.69 -1.50
CA VAL B 84 -3.18 -31.08 -1.86
C VAL B 84 -3.15 -29.62 -1.45
N LEU B 85 -2.20 -29.26 -0.60
CA LEU B 85 -1.96 -27.88 -0.23
C LEU B 85 -0.80 -27.30 -1.00
N ILE B 86 -1.05 -26.22 -1.74
CA ILE B 86 0.02 -25.52 -2.41
C ILE B 86 0.53 -24.47 -1.42
N LEU B 87 1.77 -24.58 -1.02
CA LEU B 87 2.38 -23.76 0.01
C LEU B 87 3.54 -22.98 -0.55
N GLU B 88 3.92 -21.95 0.15
CA GLU B 88 5.06 -21.14 -0.20
C GLU B 88 6.29 -22.03 -0.11
N LEU B 89 7.18 -21.93 -1.07
CA LEU B 89 8.42 -22.68 -1.07
C LEU B 89 9.53 -21.99 -0.27
N VAL B 90 10.10 -22.69 0.68
CA VAL B 90 11.27 -22.15 1.42
C VAL B 90 12.51 -22.81 0.86
N SER B 91 13.38 -22.02 0.22
CA SER B 91 14.54 -22.55 -0.46
C SER B 91 15.83 -22.52 0.32
N GLY B 92 15.80 -21.98 1.52
CA GLY B 92 17.01 -21.70 2.28
C GLY B 92 17.45 -22.79 3.22
N GLY B 93 16.60 -23.81 3.43
CA GLY B 93 16.99 -24.94 4.26
C GLY B 93 16.72 -24.66 5.71
N GLU B 94 17.11 -25.60 6.57
CA GLU B 94 16.87 -25.44 8.01
C GLU B 94 17.78 -24.37 8.59
N LEU B 95 17.29 -23.60 9.55
CA LEU B 95 18.09 -22.56 10.21
C LEU B 95 19.41 -23.10 10.73
N PHE B 96 19.33 -24.16 11.53
CA PHE B 96 20.51 -24.67 12.20
C PHE B 96 21.55 -25.15 11.22
N ASP B 97 21.10 -25.64 10.07
CA ASP B 97 22.02 -26.03 9.01
C ASP B 97 22.77 -24.89 8.41
N PHE B 98 22.13 -23.74 8.28
CA PHE B 98 22.80 -22.52 7.86
C PHE B 98 23.79 -22.06 8.94
N LEU B 99 23.42 -22.18 10.19
CA LEU B 99 24.33 -21.74 11.25
C LEU B 99 25.58 -22.57 11.32
N ALA B 100 25.48 -23.87 11.05
CA ALA B 100 26.69 -24.75 10.88
C ALA B 100 27.60 -24.48 9.66
N GLU B 101 27.26 -23.51 8.82
CA GLU B 101 28.08 -23.02 7.69
C GLU B 101 28.78 -21.72 8.05
N LYS B 102 28.38 -21.11 9.17
CA LYS B 102 28.84 -19.80 9.55
C LYS B 102 30.12 -19.99 10.35
N GLU B 103 31.08 -19.12 10.07
CA GLU B 103 32.31 -18.92 10.82
C GLU B 103 32.09 -18.98 12.32
N SER B 104 31.33 -18.01 12.85
CA SER B 104 31.05 -17.90 14.28
C SER B 104 29.56 -17.65 14.44
N LEU B 105 29.08 -17.49 15.68
CA LEU B 105 27.73 -16.94 15.91
C LEU B 105 27.76 -16.09 17.21
N THR B 106 27.68 -14.78 17.06
CA THR B 106 27.59 -13.86 18.21
C THR B 106 26.19 -13.93 18.82
N GLU B 107 26.05 -13.48 20.05
CA GLU B 107 24.73 -13.32 20.69
C GLU B 107 23.85 -12.27 19.98
N ASP B 108 24.43 -11.23 19.41
CA ASP B 108 23.66 -10.31 18.58
C ASP B 108 23.04 -10.97 17.35
N GLU B 109 23.84 -11.70 16.60
CA GLU B 109 23.38 -12.36 15.36
C GLU B 109 22.39 -13.46 15.75
N ALA B 110 22.66 -14.18 16.81
CA ALA B 110 21.70 -15.17 17.32
C ALA B 110 20.33 -14.57 17.68
N THR B 111 20.35 -13.46 18.41
CA THR B 111 19.09 -12.86 18.85
C THR B 111 18.29 -12.27 17.67
N GLN B 112 18.96 -11.89 16.60
CA GLN B 112 18.26 -11.44 15.41
C GLN B 112 17.46 -12.57 14.76
N PHE B 113 17.97 -13.78 14.72
CA PHE B 113 17.18 -14.95 14.27
C PHE B 113 16.09 -15.27 15.24
N LEU B 114 16.44 -15.37 16.49
CA LEU B 114 15.44 -15.68 17.54
C LEU B 114 14.25 -14.69 17.55
N LYS B 115 14.52 -13.41 17.40
CA LYS B 115 13.45 -12.40 17.33
C LYS B 115 12.45 -12.66 16.20
N GLN B 116 12.91 -13.18 15.07
CA GLN B 116 12.00 -13.56 14.00
C GLN B 116 11.05 -14.70 14.41
N ILE B 117 11.57 -15.70 15.07
CA ILE B 117 10.75 -16.82 15.60
C ILE B 117 9.72 -16.28 16.63
N LEU B 118 10.20 -15.40 17.51
CA LEU B 118 9.34 -14.79 18.51
C LEU B 118 8.22 -13.96 17.89
N ASP B 119 8.51 -13.21 16.83
CA ASP B 119 7.47 -12.43 16.16
C ASP B 119 6.41 -13.35 15.56
N GLY B 120 6.87 -14.42 14.95
CA GLY B 120 5.99 -15.40 14.37
C GLY B 120 5.05 -15.99 15.43
N VAL B 121 5.63 -16.42 16.55
CA VAL B 121 4.86 -17.08 17.63
C VAL B 121 3.94 -16.08 18.33
N HIS B 122 4.37 -14.82 18.39
CA HIS B 122 3.54 -13.78 18.94
C HIS B 122 2.29 -13.60 18.10
N TYR B 123 2.44 -13.64 16.79
CA TYR B 123 1.28 -13.55 15.92
C TYR B 123 0.33 -14.74 16.17
N LEU B 124 0.89 -15.95 16.16
CA LEU B 124 0.10 -17.17 16.43
C LEU B 124 -0.63 -17.11 17.74
N HIS B 125 0.10 -16.82 18.81
CA HIS B 125 -0.49 -16.76 20.16
C HIS B 125 -1.52 -15.65 20.30
N SER B 126 -1.37 -14.58 19.56
CA SER B 126 -2.38 -13.53 19.62
C SER B 126 -3.69 -13.99 18.97
N LYS B 127 -3.65 -15.04 18.16
CA LYS B 127 -4.84 -15.69 17.57
C LYS B 127 -5.29 -16.95 18.32
N ARG B 128 -4.66 -17.18 19.46
CA ARG B 128 -4.85 -18.36 20.29
C ARG B 128 -4.48 -19.66 19.58
N ILE B 129 -3.51 -19.59 18.68
CA ILE B 129 -3.01 -20.79 18.00
C ILE B 129 -1.69 -21.22 18.62
N ALA B 130 -1.67 -22.45 19.11
CA ALA B 130 -0.43 -23.13 19.48
C ALA B 130 0.06 -23.98 18.33
N HIS B 131 1.34 -23.89 18.05
CA HIS B 131 2.00 -24.63 17.00
C HIS B 131 2.20 -26.10 17.43
N PHE B 132 2.72 -26.27 18.66
CA PHE B 132 2.98 -27.54 19.33
C PHE B 132 4.12 -28.38 18.75
N ASP B 133 4.77 -27.92 17.69
CA ASP B 133 5.82 -28.70 17.03
C ASP B 133 7.04 -27.81 16.67
N LEU B 134 7.33 -26.83 17.54
CA LEU B 134 8.46 -25.94 17.32
C LEU B 134 9.71 -26.70 17.68
N LYS B 135 10.60 -26.82 16.72
CA LYS B 135 11.85 -27.55 16.85
C LYS B 135 12.66 -27.18 15.61
N PRO B 136 13.98 -27.39 15.64
CA PRO B 136 14.88 -26.90 14.56
C PRO B 136 14.45 -27.24 13.14
N GLU B 137 14.03 -28.50 12.92
CA GLU B 137 13.54 -28.98 11.60
C GLU B 137 12.41 -28.13 10.98
N ASN B 138 11.56 -27.55 11.84
CA ASN B 138 10.47 -26.71 11.40
C ASN B 138 10.76 -25.21 11.33
N ILE B 139 12.00 -24.77 11.61
CA ILE B 139 12.44 -23.35 11.47
C ILE B 139 13.27 -23.26 10.20
N MET B 140 12.70 -22.69 9.14
CA MET B 140 13.36 -22.68 7.84
C MET B 140 13.78 -21.26 7.49
N LEU B 141 14.70 -21.13 6.55
CA LEU B 141 15.00 -19.88 5.92
C LEU B 141 14.44 -19.88 4.54
N LEU B 142 13.87 -18.76 4.14
CA LEU B 142 13.27 -18.65 2.79
C LEU B 142 14.30 -18.60 1.63
N ASP B 143 15.44 -17.94 1.85
CA ASP B 143 16.54 -17.81 0.89
C ASP B 143 17.76 -17.51 1.76
N LYS B 144 18.69 -18.46 1.83
CA LYS B 144 19.89 -18.29 2.64
C LYS B 144 21.00 -17.45 2.02
N ASN B 145 20.81 -16.93 0.81
CA ASN B 145 21.84 -16.13 0.11
C ASN B 145 21.79 -14.58 0.29
N VAL B 146 20.70 -14.06 0.83
CA VAL B 146 20.51 -12.64 1.08
C VAL B 146 21.31 -12.19 2.32
N PRO B 147 21.59 -10.88 2.45
CA PRO B 147 22.27 -10.34 3.65
C PRO B 147 21.66 -10.73 4.99
N ASN B 148 20.32 -10.64 5.16
CA ASN B 148 19.63 -11.04 6.38
C ASN B 148 18.47 -12.02 6.15
N PRO B 149 18.74 -13.32 6.27
CA PRO B 149 17.70 -14.22 5.80
C PRO B 149 16.48 -14.22 6.68
N ARG B 150 15.36 -14.50 6.02
CA ARG B 150 14.06 -14.47 6.68
C ARG B 150 13.69 -15.87 7.14
N ILE B 151 13.31 -15.98 8.40
CA ILE B 151 12.84 -17.23 9.01
C ILE B 151 11.39 -17.45 8.69
N LYS B 152 11.05 -18.72 8.43
CA LYS B 152 9.65 -19.16 8.21
C LYS B 152 9.36 -20.35 9.08
N LEU B 153 8.31 -20.25 9.87
CA LEU B 153 7.80 -21.43 10.58
C LEU B 153 6.92 -22.27 9.65
N ILE B 154 7.15 -23.58 9.67
CA ILE B 154 6.41 -24.52 8.89
C ILE B 154 5.78 -25.61 9.75
N ASP B 155 4.90 -26.35 9.09
CA ASP B 155 4.34 -27.61 9.56
C ASP B 155 3.36 -27.39 10.73
N PHE B 156 2.12 -27.10 10.36
CA PHE B 156 1.02 -26.84 11.26
C PHE B 156 0.17 -28.12 11.38
N GLY B 157 0.84 -29.25 11.24
CA GLY B 157 0.19 -30.55 11.27
C GLY B 157 -0.39 -30.93 12.62
N ILE B 158 0.14 -30.40 13.73
CA ILE B 158 -0.51 -30.59 15.02
C ILE B 158 -0.89 -29.29 15.72
N ALA B 159 -0.88 -28.18 15.00
CA ALA B 159 -1.29 -26.91 15.58
C ALA B 159 -2.75 -26.93 16.01
N HIS B 160 -3.10 -26.19 17.06
CA HIS B 160 -4.46 -26.18 17.58
C HIS B 160 -4.86 -24.79 18.10
N LYS B 161 -6.11 -24.42 17.86
CA LYS B 161 -6.71 -23.26 18.54
C LYS B 161 -7.00 -23.65 19.95
N ILE B 162 -6.58 -22.86 20.91
CA ILE B 162 -6.83 -23.14 22.32
C ILE B 162 -8.07 -22.36 22.82
N GLU B 163 -9.13 -23.06 23.20
CA GLU B 163 -10.39 -22.48 23.70
C GLU B 163 -10.43 -22.61 25.21
N ALA B 164 -10.64 -21.52 25.93
CA ALA B 164 -10.67 -21.56 27.40
C ALA B 164 -11.96 -22.22 27.83
N GLY B 165 -11.89 -23.01 28.90
CA GLY B 165 -13.00 -23.90 29.33
C GLY B 165 -13.09 -25.21 28.57
N ASN B 166 -12.08 -25.50 27.76
CA ASN B 166 -11.92 -26.77 27.05
C ASN B 166 -10.50 -27.23 27.37
N GLU B 167 -10.38 -28.32 28.12
CA GLU B 167 -9.10 -28.94 28.40
C GLU B 167 -8.64 -29.65 27.12
N PHE B 168 -7.36 -29.49 26.79
CA PHE B 168 -6.76 -30.17 25.70
C PHE B 168 -5.54 -30.92 26.24
N LYS B 169 -5.58 -32.24 26.05
CA LYS B 169 -4.47 -33.10 26.35
C LYS B 169 -4.09 -33.92 25.12
N ASN B 170 -2.80 -34.09 24.89
CA ASN B 170 -2.34 -34.99 23.83
C ASN B 170 -0.89 -35.42 24.06
N ILE B 171 -0.50 -36.49 23.42
CA ILE B 171 0.93 -36.87 23.39
C ILE B 171 1.37 -36.75 21.93
N PHE B 172 2.26 -35.80 21.69
CA PHE B 172 2.72 -35.52 20.33
C PHE B 172 4.04 -34.74 20.37
N GLY B 173 4.59 -34.44 19.20
CA GLY B 173 5.84 -33.69 19.11
C GLY B 173 7.00 -34.65 19.12
N THR B 174 8.21 -34.10 19.11
CA THR B 174 9.45 -34.88 19.18
C THR B 174 9.96 -34.78 20.63
N PRO B 175 10.13 -35.91 21.33
CA PRO B 175 10.39 -35.93 22.78
C PRO B 175 11.37 -34.87 23.30
N GLU B 176 12.52 -34.81 22.71
CA GLU B 176 13.58 -33.84 23.06
C GLU B 176 13.09 -32.38 23.23
N PHE B 177 12.06 -32.00 22.46
CA PHE B 177 11.60 -30.62 22.40
C PHE B 177 10.29 -30.29 23.06
N VAL B 178 9.64 -31.27 23.69
CA VAL B 178 8.31 -31.10 24.26
C VAL B 178 8.34 -30.64 25.71
N ALA B 179 7.34 -29.86 26.11
CA ALA B 179 7.21 -29.40 27.46
C ALA B 179 6.83 -30.56 28.40
N PRO B 180 7.07 -30.38 29.70
CA PRO B 180 6.73 -31.45 30.68
C PRO B 180 5.25 -31.78 30.76
N GLU B 181 4.41 -30.82 30.41
CA GLU B 181 2.97 -31.06 30.38
C GLU B 181 2.55 -32.00 29.26
N ILE B 182 3.36 -32.11 28.21
CA ILE B 182 3.14 -33.14 27.18
C ILE B 182 3.60 -34.48 27.73
N VAL B 183 4.78 -34.50 28.34
CA VAL B 183 5.34 -35.73 28.88
C VAL B 183 4.41 -36.32 29.94
N ASN B 184 3.87 -35.47 30.81
CA ASN B 184 3.02 -35.90 31.91
C ASN B 184 1.52 -36.04 31.59
N TYR B 185 1.12 -35.78 30.34
CA TYR B 185 -0.31 -35.86 29.98
C TYR B 185 -1.17 -34.98 30.93
N GLU B 186 -0.79 -33.71 30.92
CA GLU B 186 -1.42 -32.63 31.66
C GLU B 186 -1.97 -31.59 30.68
N PRO B 187 -2.84 -30.69 31.17
CA PRO B 187 -3.48 -29.76 30.23
C PRO B 187 -2.49 -28.90 29.46
N LEU B 188 -2.77 -28.75 28.17
CA LEU B 188 -1.90 -28.07 27.24
C LEU B 188 -2.44 -26.70 26.83
N GLY B 189 -1.52 -25.81 26.50
CA GLY B 189 -1.90 -24.51 25.96
C GLY B 189 -0.79 -23.87 25.20
N LEU B 190 -0.84 -22.54 25.13
CA LEU B 190 0.16 -21.72 24.43
C LEU B 190 1.53 -21.81 25.12
N GLU B 191 1.53 -22.16 26.41
CA GLU B 191 2.78 -22.20 27.17
C GLU B 191 3.73 -23.29 26.67
N ALA B 192 3.20 -24.36 26.09
CA ALA B 192 4.05 -25.40 25.53
C ALA B 192 5.02 -24.92 24.44
N ASP B 193 4.56 -24.02 23.59
CA ASP B 193 5.43 -23.41 22.58
C ASP B 193 6.63 -22.66 23.21
N MET B 194 6.40 -22.03 24.37
CA MET B 194 7.42 -21.21 25.04
C MET B 194 8.53 -22.07 25.61
N TRP B 195 8.15 -23.18 26.22
CA TRP B 195 9.15 -24.19 26.59
C TRP B 195 10.02 -24.54 25.39
N SER B 196 9.38 -24.90 24.28
CA SER B 196 10.11 -25.32 23.07
C SER B 196 11.03 -24.20 22.55
N ILE B 197 10.59 -22.94 22.66
CA ILE B 197 11.48 -21.79 22.36
C ILE B 197 12.71 -21.74 23.28
N GLY B 198 12.53 -22.11 24.53
CA GLY B 198 13.65 -22.24 25.45
C GLY B 198 14.68 -23.28 25.08
N VAL B 199 14.19 -24.42 24.59
CA VAL B 199 15.04 -25.52 24.11
C VAL B 199 15.78 -25.09 22.86
N ILE B 200 15.06 -24.51 21.91
CA ILE B 200 15.68 -24.01 20.69
C ILE B 200 16.79 -22.97 21.00
N THR B 201 16.51 -22.07 21.93
CA THR B 201 17.47 -21.03 22.32
C THR B 201 18.73 -21.64 22.91
N TYR B 202 18.56 -22.61 23.83
CA TYR B 202 19.69 -23.34 24.41
C TYR B 202 20.59 -23.94 23.30
N ILE B 203 19.96 -24.55 22.31
CA ILE B 203 20.70 -25.22 21.24
C ILE B 203 21.40 -24.17 20.36
N LEU B 204 20.70 -23.09 20.05
CA LEU B 204 21.29 -21.97 19.27
C LEU B 204 22.62 -21.46 19.80
N LEU B 205 22.70 -21.32 21.13
CA LEU B 205 23.88 -20.70 21.77
C LEU B 205 25.01 -21.67 22.09
N SER B 206 24.68 -22.95 22.23
CA SER B 206 25.60 -23.97 22.71
C SER B 206 25.88 -25.06 21.70
N GLY B 207 24.91 -25.33 20.85
CA GLY B 207 24.98 -26.49 19.97
C GLY B 207 24.73 -27.81 20.69
N ALA B 208 24.21 -27.78 21.92
CA ALA B 208 23.87 -28.98 22.66
C ALA B 208 22.39 -28.95 22.99
N SER B 209 21.79 -30.13 23.17
CA SER B 209 20.37 -30.24 23.51
C SER B 209 20.26 -30.31 25.01
N PRO B 210 19.43 -29.49 25.64
CA PRO B 210 19.46 -29.44 27.13
C PRO B 210 19.00 -30.72 27.88
N PHE B 211 18.01 -31.46 27.34
CA PHE B 211 17.42 -32.61 28.07
C PHE B 211 17.69 -33.99 27.51
N LEU B 212 18.26 -34.01 26.31
CA LEU B 212 18.57 -35.26 25.61
C LEU B 212 19.39 -36.16 26.50
N GLY B 213 18.90 -37.39 26.72
CA GLY B 213 19.64 -38.40 27.49
C GLY B 213 20.12 -39.49 26.56
N GLU B 214 20.66 -40.54 27.15
CA GLU B 214 21.18 -41.70 26.40
C GLU B 214 20.07 -42.55 25.77
N THR B 215 18.82 -42.40 26.23
CA THR B 215 17.64 -43.12 25.71
C THR B 215 16.47 -42.19 25.80
N LYS B 216 15.38 -42.51 25.12
CA LYS B 216 14.14 -41.73 25.23
C LYS B 216 13.66 -41.70 26.69
N GLN B 217 13.78 -42.81 27.38
CA GLN B 217 13.41 -42.87 28.76
C GLN B 217 14.11 -41.81 29.67
N GLU B 218 15.42 -41.65 29.48
CA GLU B 218 16.19 -40.59 30.20
C GLU B 218 15.77 -39.20 29.80
N THR B 219 15.60 -38.98 28.50
CA THR B 219 15.18 -37.69 28.01
C THR B 219 13.88 -37.24 28.69
N LEU B 220 12.90 -38.14 28.77
CA LEU B 220 11.57 -37.83 29.32
C LEU B 220 11.66 -37.52 30.82
N THR B 221 12.47 -38.32 31.54
CA THR B 221 12.83 -38.05 32.94
C THR B 221 13.43 -36.67 33.16
N ASN B 222 14.37 -36.31 32.29
CA ASN B 222 15.08 -35.03 32.40
C ASN B 222 14.13 -33.90 32.15
N ILE B 223 13.27 -34.05 31.16
CA ILE B 223 12.25 -33.02 30.88
C ILE B 223 11.25 -32.87 32.02
N SER B 224 10.77 -33.98 32.53
CA SER B 224 9.76 -33.95 33.58
C SER B 224 10.30 -33.35 34.88
N ALA B 225 11.56 -33.63 35.22
CA ALA B 225 12.19 -33.02 36.41
C ALA B 225 12.87 -31.68 36.12
N VAL B 226 12.91 -31.24 34.84
CA VAL B 226 13.66 -30.06 34.45
C VAL B 226 15.12 -30.17 34.92
N ASN B 227 15.80 -31.24 34.49
CA ASN B 227 17.17 -31.52 34.82
C ASN B 227 18.00 -31.09 33.63
N TYR B 228 18.60 -29.92 33.74
CA TYR B 228 19.57 -29.42 32.77
C TYR B 228 20.59 -28.54 33.46
N ASP B 229 21.68 -28.23 32.79
CA ASP B 229 22.64 -27.25 33.31
C ASP B 229 23.22 -26.36 32.22
N PHE B 230 23.99 -25.37 32.66
CA PHE B 230 24.76 -24.53 31.76
C PHE B 230 26.22 -24.86 31.92
N ASP B 231 26.60 -26.05 31.46
CA ASP B 231 27.99 -26.49 31.54
C ASP B 231 28.89 -25.42 30.93
N GLU B 232 29.90 -25.01 31.70
CA GLU B 232 30.94 -24.08 31.28
C GLU B 232 31.68 -24.50 29.97
N GLU B 233 31.77 -25.79 29.68
CA GLU B 233 32.28 -26.26 28.39
C GLU B 233 31.47 -25.70 27.20
N TYR B 234 30.15 -25.58 27.34
CA TYR B 234 29.31 -25.04 26.27
C TYR B 234 28.95 -23.58 26.43
N PHE B 235 28.81 -23.10 27.69
CA PHE B 235 28.26 -21.78 27.94
C PHE B 235 29.22 -20.70 28.48
N SER B 236 30.53 -20.89 28.43
CA SER B 236 31.45 -19.91 29.02
C SER B 236 31.44 -18.54 28.32
N ASN B 237 31.06 -18.51 27.05
CA ASN B 237 30.93 -17.22 26.33
C ASN B 237 29.48 -16.67 26.35
N THR B 238 28.62 -17.16 27.21
CA THR B 238 27.18 -16.83 27.19
C THR B 238 26.88 -15.83 28.32
N SER B 239 26.21 -14.73 27.98
CA SER B 239 25.86 -13.68 28.94
C SER B 239 24.89 -14.19 29.99
N GLU B 240 24.90 -13.54 31.15
CA GLU B 240 23.93 -13.80 32.21
C GLU B 240 22.49 -13.55 31.75
N LEU B 241 22.34 -12.51 30.91
CA LEU B 241 21.04 -12.23 30.32
C LEU B 241 20.45 -13.35 29.49
N ALA B 242 21.23 -13.89 28.57
CA ALA B 242 20.81 -15.06 27.73
C ALA B 242 20.45 -16.27 28.57
N LYS B 243 21.21 -16.55 29.61
CA LYS B 243 20.88 -17.64 30.50
C LYS B 243 19.59 -17.37 31.26
N ASP B 244 19.40 -16.12 31.70
CA ASP B 244 18.15 -15.79 32.37
C ASP B 244 16.93 -15.97 31.41
N PHE B 245 17.07 -15.53 30.16
CA PHE B 245 16.05 -15.69 29.19
C PHE B 245 15.63 -17.19 29.04
N ILE B 246 16.62 -18.07 28.93
CA ILE B 246 16.34 -19.51 28.86
C ILE B 246 15.71 -20.08 30.13
N ARG B 247 16.30 -19.73 31.27
CA ARG B 247 15.79 -20.13 32.61
C ARG B 247 14.32 -19.76 32.84
N ARG B 248 13.86 -18.63 32.27
CA ARG B 248 12.49 -18.21 32.39
C ARG B 248 11.52 -18.96 31.52
N LEU B 249 12.03 -19.73 30.56
CA LEU B 249 11.24 -20.55 29.66
C LEU B 249 11.23 -22.02 30.07
N LEU B 250 12.37 -22.52 30.53
CA LEU B 250 12.46 -23.91 30.99
C LEU B 250 11.96 -24.03 32.43
N VAL B 251 10.67 -23.85 32.60
CA VAL B 251 10.03 -23.78 33.89
C VAL B 251 8.90 -24.79 33.86
N LYS B 252 8.84 -25.60 34.90
CA LYS B 252 7.90 -26.71 34.97
C LYS B 252 6.48 -26.25 34.91
N ASP B 253 6.13 -25.33 35.80
CA ASP B 253 4.75 -24.90 35.94
C ASP B 253 4.44 -24.01 34.76
N PRO B 254 3.50 -24.41 33.90
CA PRO B 254 3.26 -23.56 32.72
C PRO B 254 2.74 -22.16 33.09
N LYS B 255 2.04 -22.05 34.20
CA LYS B 255 1.56 -20.74 34.70
C LYS B 255 2.69 -19.79 35.17
N ARG B 256 3.89 -20.30 35.43
CA ARG B 256 5.03 -19.47 35.81
C ARG B 256 5.97 -19.18 34.66
N ARG B 257 5.74 -19.80 33.52
CA ARG B 257 6.67 -19.74 32.41
C ARG B 257 6.46 -18.43 31.72
N MET B 258 7.55 -17.84 31.25
CA MET B 258 7.47 -16.57 30.52
C MET B 258 6.60 -16.75 29.27
N THR B 259 5.68 -15.80 29.04
CA THR B 259 4.83 -15.79 27.84
C THR B 259 5.55 -15.09 26.68
N ILE B 260 4.94 -15.19 25.50
CA ILE B 260 5.53 -14.63 24.29
C ILE B 260 5.73 -13.09 24.32
N ALA B 261 4.75 -12.35 24.83
CA ALA B 261 4.88 -10.89 24.95
C ALA B 261 5.99 -10.49 25.94
N GLN B 262 6.04 -11.19 27.08
CA GLN B 262 7.09 -10.96 28.05
C GLN B 262 8.46 -11.22 27.43
N SER B 263 8.57 -12.28 26.62
CA SER B 263 9.83 -12.66 26.00
C SER B 263 10.37 -11.59 25.02
N LEU B 264 9.48 -10.90 24.30
CA LEU B 264 9.86 -9.78 23.42
C LEU B 264 10.28 -8.51 24.17
N GLU B 265 9.87 -8.41 25.44
CA GLU B 265 10.17 -7.29 26.28
C GLU B 265 11.37 -7.56 27.22
N HIS B 266 11.88 -8.78 27.25
CA HIS B 266 13.02 -9.19 28.07
C HIS B 266 14.28 -8.53 27.56
N SER B 267 15.18 -8.14 28.49
CA SER B 267 16.28 -7.23 28.14
C SER B 267 17.23 -7.72 27.06
N TRP B 268 17.51 -9.03 27.08
CA TRP B 268 18.32 -9.71 26.07
C TRP B 268 17.83 -9.52 24.65
N ILE B 269 16.50 -9.56 24.46
CA ILE B 269 15.93 -9.38 23.13
C ILE B 269 15.80 -7.91 22.79
N LYS B 270 15.36 -7.10 23.77
CA LYS B 270 15.19 -5.65 23.60
C LYS B 270 16.52 -4.94 23.26
N ALA B 271 17.66 -5.40 23.80
CA ALA B 271 18.99 -4.91 23.43
C ALA B 271 19.39 -4.87 21.92
N ILE B 272 18.44 -5.13 20.99
CA ILE B 272 18.58 -5.01 19.56
C ILE B 272 19.55 -6.07 19.12
N SER C 1 -8.06 11.29 21.11
CA SER C 1 -8.21 11.61 19.69
C SER C 1 -8.71 10.44 18.82
N MET C 2 -8.81 10.73 17.55
CA MET C 2 -9.03 9.73 16.56
C MET C 2 -7.77 9.23 15.85
N VAL C 3 -6.56 9.34 16.41
CA VAL C 3 -5.39 8.81 15.76
C VAL C 3 -5.52 7.31 15.32
N GLU C 4 -6.14 6.47 16.18
CA GLU C 4 -6.27 5.05 15.85
C GLU C 4 -7.35 4.73 14.80
N ASP C 5 -8.26 5.69 14.56
CA ASP C 5 -9.19 5.62 13.43
C ASP C 5 -8.54 5.86 12.08
N HIS C 6 -7.38 6.52 12.04
CA HIS C 6 -6.71 6.83 10.81
C HIS C 6 -5.46 5.95 10.55
N TYR C 7 -4.74 5.62 11.63
CA TYR C 7 -3.46 4.93 11.54
C TYR C 7 -3.45 3.62 12.38
N GLU C 8 -3.08 2.52 11.75
CA GLU C 8 -2.88 1.24 12.41
C GLU C 8 -1.44 1.19 12.89
N MET C 9 -1.27 1.07 14.22
CA MET C 9 0.04 1.05 14.85
C MET C 9 0.69 -0.34 14.77
N GLY C 10 2.02 -0.34 14.64
CA GLY C 10 2.77 -1.57 14.48
C GLY C 10 4.02 -1.59 15.34
N GLU C 11 5.07 -2.20 14.81
CA GLU C 11 6.30 -2.46 15.56
C GLU C 11 6.96 -1.20 16.11
N GLU C 12 7.43 -1.30 17.35
CA GLU C 12 8.22 -0.30 17.98
C GLU C 12 9.59 -0.13 17.26
N LEU C 13 9.99 1.12 17.00
CA LEU C 13 11.23 1.42 16.30
C LEU C 13 12.30 2.11 17.15
N GLY C 14 11.89 2.73 18.25
CA GLY C 14 12.78 3.49 19.09
C GLY C 14 12.09 3.96 20.36
N SER C 15 12.86 4.03 21.45
CA SER C 15 12.42 4.67 22.67
C SER C 15 13.49 5.71 23.05
N GLY C 16 13.02 6.89 23.43
CA GLY C 16 13.83 7.94 24.00
C GLY C 16 13.31 8.10 25.41
N GLN C 17 13.61 9.23 26.06
CA GLN C 17 13.35 9.34 27.50
C GLN C 17 11.85 9.44 27.81
N PHE C 18 11.10 10.27 27.07
CA PHE C 18 9.63 10.29 27.18
C PHE C 18 8.90 10.17 25.84
N ALA C 19 9.60 9.60 24.84
CA ALA C 19 9.05 9.38 23.50
C ALA C 19 9.20 7.92 23.09
N ILE C 20 8.19 7.39 22.41
CA ILE C 20 8.26 6.08 21.80
C ILE C 20 7.82 6.27 20.34
N VAL C 21 8.50 5.59 19.42
CA VAL C 21 8.23 5.73 17.99
C VAL C 21 7.85 4.38 17.43
N ARG C 22 6.70 4.32 16.77
CA ARG C 22 6.23 3.08 16.16
C ARG C 22 5.99 3.29 14.67
N LYS C 23 6.13 2.18 13.95
CA LYS C 23 5.72 2.11 12.57
C LYS C 23 4.20 2.13 12.57
N CYS C 24 3.61 2.84 11.61
CA CYS C 24 2.16 2.79 11.46
C CYS C 24 1.76 2.84 10.00
N ARG C 25 0.50 2.58 9.75
CA ARG C 25 0.03 2.47 8.41
C ARG C 25 -1.27 3.25 8.29
N GLN C 26 -1.32 4.16 7.32
CA GLN C 26 -2.48 4.97 7.05
C GLN C 26 -3.54 4.03 6.49
N LYS C 27 -4.68 3.96 7.15
CA LYS C 27 -5.74 2.98 6.81
C LYS C 27 -6.39 3.19 5.44
N GLY C 28 -6.52 4.43 5.01
CA GLY C 28 -7.13 4.74 3.71
C GLY C 28 -6.30 4.34 2.50
N THR C 29 -4.98 4.44 2.63
CA THR C 29 -4.04 4.36 1.52
C THR C 29 -3.02 3.21 1.56
N GLY C 30 -2.76 2.62 2.73
CA GLY C 30 -1.65 1.70 2.88
C GLY C 30 -0.27 2.34 3.05
N LYS C 31 -0.16 3.67 3.06
CA LYS C 31 1.13 4.35 3.17
C LYS C 31 1.69 4.28 4.58
N GLU C 32 2.99 4.10 4.70
CA GLU C 32 3.60 3.88 6.01
C GLU C 32 4.18 5.16 6.59
N TYR C 33 4.07 5.29 7.90
CA TYR C 33 4.55 6.47 8.59
C TYR C 33 5.18 6.03 9.88
N ALA C 34 5.86 7.00 10.49
CA ALA C 34 6.37 6.83 11.84
C ALA C 34 5.49 7.63 12.79
N ALA C 35 5.05 7.00 13.89
CA ALA C 35 4.23 7.70 14.89
C ALA C 35 5.05 7.88 16.14
N LYS C 36 5.25 9.13 16.56
CA LYS C 36 6.04 9.46 17.73
C LYS C 36 5.12 9.91 18.87
N PHE C 37 4.98 9.03 19.86
CA PHE C 37 4.17 9.27 21.04
C PHE C 37 5.02 10.01 22.06
N ILE C 38 4.54 11.15 22.57
CA ILE C 38 5.30 11.94 23.53
C ILE C 38 4.45 12.13 24.77
N LYS C 39 4.94 11.58 25.90
CA LYS C 39 4.23 11.60 27.16
C LYS C 39 4.10 13.05 27.68
N LYS C 40 2.89 13.42 28.07
CA LYS C 40 2.58 14.71 28.63
C LYS C 40 2.68 14.71 30.16
N ARG C 41 3.39 15.68 30.70
CA ARG C 41 3.31 16.02 32.11
C ARG C 41 1.92 16.32 32.61
N ARG C 42 1.46 15.47 33.52
CA ARG C 42 0.28 15.72 34.33
C ARG C 42 0.90 15.46 35.68
N LEU C 43 1.06 16.47 36.54
CA LEU C 43 1.72 16.22 37.82
C LEU C 43 0.69 15.83 38.91
N SER C 44 -0.56 15.55 38.55
CA SER C 44 -1.41 14.66 39.33
C SER C 44 -1.05 13.20 38.94
N SER C 45 0.26 12.86 39.04
CA SER C 45 0.87 11.59 38.51
C SER C 45 0.07 10.32 38.84
N GLY C 49 6.91 13.40 32.68
CA GLY C 49 6.49 13.76 31.32
C GLY C 49 7.12 15.04 30.78
N VAL C 50 6.74 15.43 29.57
CA VAL C 50 7.27 16.62 28.90
C VAL C 50 6.26 17.73 29.03
N SER C 51 6.72 18.94 29.33
CA SER C 51 5.84 20.08 29.48
C SER C 51 5.23 20.48 28.15
N ARG C 52 4.04 21.03 28.24
CA ARG C 52 3.31 21.58 27.10
C ARG C 52 4.20 22.53 26.27
N GLU C 53 4.98 23.34 26.96
CA GLU C 53 5.85 24.31 26.29
C GLU C 53 6.95 23.66 25.48
N GLU C 54 7.50 22.54 25.94
CA GLU C 54 8.54 21.82 25.14
C GLU C 54 7.99 21.11 23.94
N ILE C 55 6.74 20.69 24.02
CA ILE C 55 6.10 19.99 22.91
C ILE C 55 5.80 21.01 21.82
N GLU C 56 5.17 22.12 22.18
CA GLU C 56 4.98 23.24 21.28
C GLU C 56 6.28 23.70 20.58
N ARG C 57 7.38 23.81 21.29
CA ARG C 57 8.65 24.17 20.71
C ARG C 57 9.02 23.20 19.60
N GLU C 58 8.91 21.91 19.85
CA GLU C 58 9.28 20.90 18.86
C GLU C 58 8.38 21.02 17.66
N VAL C 59 7.09 21.17 17.92
CA VAL C 59 6.06 21.20 16.89
C VAL C 59 6.16 22.47 16.01
N ASN C 60 6.36 23.62 16.65
CA ASN C 60 6.53 24.88 15.92
C ASN C 60 7.77 24.82 15.08
N ILE C 61 8.81 24.15 15.54
CA ILE C 61 10.01 24.00 14.75
C ILE C 61 9.72 23.13 13.53
N LEU C 62 9.08 21.99 13.73
CA LEU C 62 8.71 21.10 12.62
C LEU C 62 7.78 21.79 11.61
N ARG C 63 6.84 22.56 12.10
CA ARG C 63 5.91 23.31 11.24
C ARG C 63 6.65 24.26 10.29
N GLU C 64 7.64 24.97 10.83
CA GLU C 64 8.37 25.96 10.11
C GLU C 64 9.35 25.39 9.05
N ILE C 65 9.77 24.15 9.19
CA ILE C 65 10.82 23.63 8.33
C ILE C 65 10.27 22.78 7.21
N ARG C 66 10.61 23.16 5.99
CA ARG C 66 10.25 22.42 4.77
C ARG C 66 11.50 22.36 3.90
N HIS C 67 12.17 21.20 3.88
CA HIS C 67 13.44 21.00 3.17
C HIS C 67 13.58 19.50 2.84
N PRO C 68 14.11 19.16 1.64
CA PRO C 68 14.16 17.74 1.26
C PRO C 68 15.04 16.85 2.13
N ASN C 69 16.04 17.42 2.82
CA ASN C 69 16.88 16.68 3.74
C ASN C 69 16.45 16.73 5.20
N ILE C 70 15.22 17.10 5.46
CA ILE C 70 14.70 17.20 6.80
C ILE C 70 13.36 16.49 6.87
N ILE C 71 13.18 15.73 7.93
CA ILE C 71 11.96 14.95 8.17
C ILE C 71 10.68 15.84 8.12
N THR C 72 9.64 15.30 7.50
CA THR C 72 8.37 15.99 7.37
C THR C 72 7.36 15.50 8.40
N LEU C 73 6.76 16.46 9.08
CA LEU C 73 5.67 16.22 10.00
C LEU C 73 4.36 16.15 9.20
N HIS C 74 3.69 15.02 9.25
CA HIS C 74 2.49 14.84 8.45
C HIS C 74 1.18 15.15 9.15
N ASP C 75 1.06 14.80 10.43
CA ASP C 75 -0.22 14.93 11.13
C ASP C 75 0.09 15.01 12.64
N ILE C 76 -0.92 15.34 13.43
CA ILE C 76 -0.72 15.59 14.87
C ILE C 76 -2.00 15.38 15.64
N PHE C 77 -1.93 14.58 16.74
CA PHE C 77 -3.08 14.24 17.55
C PHE C 77 -2.70 14.40 19.01
N GLU C 78 -3.69 14.58 19.87
CA GLU C 78 -3.51 14.59 21.29
C GLU C 78 -4.65 13.89 22.00
N ASN C 79 -4.29 12.99 22.88
CA ASN C 79 -5.25 12.38 23.82
C ASN C 79 -4.79 12.75 25.23
N LYS C 80 -5.38 12.16 26.26
CA LYS C 80 -5.17 12.61 27.65
C LYS C 80 -3.78 12.41 28.19
N THR C 81 -3.05 11.44 27.68
CA THR C 81 -1.71 11.15 28.19
C THR C 81 -0.60 11.56 27.25
N ASP C 82 -0.90 11.70 25.96
CA ASP C 82 0.14 11.81 24.93
C ASP C 82 -0.18 12.75 23.81
N VAL C 83 0.89 13.26 23.20
CA VAL C 83 0.84 13.95 21.92
C VAL C 83 1.53 13.05 20.91
N VAL C 84 0.82 12.80 19.79
CA VAL C 84 1.30 11.87 18.77
C VAL C 84 1.60 12.65 17.50
N LEU C 85 2.85 12.58 17.06
CA LEU C 85 3.27 13.19 15.81
C LEU C 85 3.37 12.10 14.74
N ILE C 86 2.65 12.28 13.63
CA ILE C 86 2.76 11.36 12.50
C ILE C 86 3.84 11.95 11.60
N LEU C 87 4.93 11.22 11.45
CA LEU C 87 6.10 11.71 10.74
C LEU C 87 6.35 10.83 9.53
N GLU C 88 7.13 11.40 8.62
CA GLU C 88 7.56 10.69 7.43
C GLU C 88 8.39 9.50 7.89
N LEU C 89 8.13 8.35 7.30
CA LEU C 89 8.88 7.13 7.64
C LEU C 89 10.17 7.01 6.79
N VAL C 90 11.29 6.86 7.47
CA VAL C 90 12.53 6.55 6.74
C VAL C 90 12.79 5.06 6.80
N SER C 91 12.77 4.42 5.63
CA SER C 91 12.90 2.97 5.53
C SER C 91 14.30 2.49 5.19
N GLY C 92 15.26 3.42 5.03
CA GLY C 92 16.64 3.03 4.76
C GLY C 92 17.52 2.87 5.99
N GLY C 93 17.03 3.28 7.15
CA GLY C 93 17.78 3.09 8.39
C GLY C 93 18.78 4.22 8.64
N GLU C 94 19.60 4.03 9.65
CA GLU C 94 20.57 5.00 10.06
C GLU C 94 21.75 5.02 9.08
N LEU C 95 22.42 6.16 9.06
CA LEU C 95 23.56 6.39 8.18
C LEU C 95 24.65 5.39 8.45
N PHE C 96 25.16 5.36 9.68
CA PHE C 96 26.42 4.64 9.90
C PHE C 96 26.22 3.15 9.68
N ASP C 97 25.00 2.68 9.91
CA ASP C 97 24.59 1.33 9.58
C ASP C 97 24.75 0.95 8.13
N PHE C 98 24.59 1.89 7.20
CA PHE C 98 25.17 1.70 5.85
C PHE C 98 26.64 2.13 5.67
N GLU C 101 27.00 -2.94 6.30
CA GLU C 101 27.64 -1.79 6.90
C GLU C 101 29.07 -1.64 6.45
N LYS C 102 29.45 -0.42 6.07
CA LYS C 102 30.81 -0.14 5.61
C LYS C 102 31.59 0.25 6.86
N GLU C 103 32.81 -0.30 6.98
CA GLU C 103 33.67 0.03 8.14
C GLU C 103 33.89 1.54 8.23
N SER C 104 34.48 2.10 7.18
CA SER C 104 34.68 3.55 6.99
C SER C 104 34.21 3.86 5.56
N LEU C 105 34.35 5.10 5.14
CA LEU C 105 34.03 5.49 3.75
C LEU C 105 35.21 6.12 2.93
N THR C 106 35.08 6.09 1.58
CA THR C 106 35.91 6.92 0.70
C THR C 106 35.53 8.38 0.87
N GLU C 107 36.43 9.29 0.45
CA GLU C 107 36.11 10.71 0.50
C GLU C 107 34.99 11.11 -0.45
N ASP C 108 34.88 10.45 -1.61
CA ASP C 108 33.73 10.74 -2.45
C ASP C 108 32.40 10.37 -1.83
N GLU C 109 32.30 9.15 -1.28
CA GLU C 109 31.05 8.67 -0.70
C GLU C 109 30.72 9.54 0.53
N ALA C 110 31.74 9.84 1.34
CA ALA C 110 31.50 10.68 2.49
C ALA C 110 31.05 12.07 2.14
N THR C 111 31.67 12.70 1.14
CA THR C 111 31.30 14.07 0.84
C THR C 111 29.89 14.16 0.26
N GLN C 112 29.42 13.09 -0.40
CA GLN C 112 28.08 13.12 -0.94
C GLN C 112 27.04 13.12 0.18
N PHE C 113 27.27 12.32 1.24
CA PHE C 113 26.37 12.36 2.41
C PHE C 113 26.48 13.67 3.13
N LEU C 114 27.70 14.05 3.39
CA LEU C 114 27.99 15.26 4.09
C LEU C 114 27.41 16.49 3.48
N LYS C 115 27.47 16.63 2.17
CA LYS C 115 26.88 17.79 1.51
C LYS C 115 25.36 17.91 1.76
N GLN C 116 24.68 16.76 1.81
CA GLN C 116 23.27 16.77 2.12
C GLN C 116 22.97 17.22 3.55
N ILE C 117 23.77 16.76 4.52
CA ILE C 117 23.65 17.19 5.90
C ILE C 117 23.89 18.69 6.00
N LEU C 118 24.94 19.17 5.34
CA LEU C 118 25.27 20.60 5.32
C LEU C 118 24.15 21.44 4.72
N ASP C 119 23.51 20.97 3.65
CA ASP C 119 22.37 21.70 3.07
C ASP C 119 21.22 21.80 4.04
N GLY C 120 20.96 20.70 4.71
CA GLY C 120 19.93 20.64 5.74
C GLY C 120 20.18 21.64 6.83
N VAL C 121 21.41 21.64 7.35
CA VAL C 121 21.80 22.50 8.50
C VAL C 121 21.88 23.95 8.06
N HIS C 122 22.22 24.20 6.81
CA HIS C 122 22.21 25.52 6.26
C HIS C 122 20.81 26.09 6.25
N TYR C 123 19.84 25.27 5.89
CA TYR C 123 18.46 25.71 5.93
C TYR C 123 18.05 26.05 7.37
N LEU C 124 18.32 25.13 8.31
CA LEU C 124 18.01 25.33 9.73
C LEU C 124 18.64 26.60 10.26
N HIS C 125 19.95 26.75 10.07
CA HIS C 125 20.68 27.91 10.58
C HIS C 125 20.24 29.20 9.95
N SER C 126 19.78 29.17 8.70
CA SER C 126 19.27 30.39 8.10
C SER C 126 17.96 30.82 8.75
N LYS C 127 17.28 29.92 9.45
CA LYS C 127 16.07 30.22 10.26
C LYS C 127 16.37 30.40 11.76
N ARG C 128 17.65 30.46 12.08
CA ARG C 128 18.17 30.53 13.43
C ARG C 128 17.78 29.35 14.30
N ILE C 129 17.63 28.18 13.69
CA ILE C 129 17.32 26.95 14.44
C ILE C 129 18.58 26.11 14.58
N ALA C 130 18.95 25.83 15.83
CA ALA C 130 19.95 24.84 16.14
C ALA C 130 19.26 23.51 16.45
N HIS C 131 19.79 22.45 15.87
CA HIS C 131 19.31 21.09 16.08
C HIS C 131 19.72 20.58 17.47
N PHE C 132 21.01 20.77 17.80
CA PHE C 132 21.65 20.41 19.08
C PHE C 132 21.84 18.92 19.33
N ASP C 133 21.39 18.05 18.41
CA ASP C 133 21.47 16.62 18.60
C ASP C 133 21.92 15.90 17.31
N LEU C 134 22.81 16.55 16.56
CA LEU C 134 23.31 15.97 15.31
C LEU C 134 24.29 14.89 15.66
N LYS C 135 24.01 13.69 15.17
CA LYS C 135 24.85 12.54 15.41
C LYS C 135 24.38 11.47 14.44
N PRO C 136 25.20 10.44 14.18
CA PRO C 136 24.87 9.38 13.21
C PRO C 136 23.46 8.77 13.32
N GLU C 137 23.03 8.47 14.56
CA GLU C 137 21.68 7.91 14.85
C GLU C 137 20.51 8.75 14.31
N ASN C 138 20.70 10.07 14.28
CA ASN C 138 19.69 10.98 13.76
C ASN C 138 19.85 11.37 12.26
N ILE C 139 20.78 10.76 11.52
CA ILE C 139 20.92 10.88 10.05
C ILE C 139 20.33 9.63 9.42
N MET C 140 19.15 9.72 8.82
CA MET C 140 18.47 8.58 8.24
C MET C 140 18.49 8.62 6.70
N LEU C 141 18.46 7.45 6.08
CA LEU C 141 18.49 7.34 4.65
C LEU C 141 17.14 6.84 4.19
N LEU C 142 16.70 7.29 3.03
CA LEU C 142 15.48 6.77 2.44
C LEU C 142 15.63 5.50 1.56
N ASP C 143 16.85 5.12 1.14
CA ASP C 143 17.04 3.88 0.33
C ASP C 143 18.26 3.09 0.82
N VAL C 146 21.34 2.22 -3.58
CA VAL C 146 21.83 3.27 -4.52
C VAL C 146 23.25 3.69 -4.10
N PRO C 147 24.12 4.12 -5.06
CA PRO C 147 25.48 4.60 -4.68
C PRO C 147 25.51 5.71 -3.63
N ASN C 148 24.69 6.76 -3.81
CA ASN C 148 24.57 7.86 -2.83
C ASN C 148 23.09 8.14 -2.51
N PRO C 149 22.55 7.54 -1.45
CA PRO C 149 21.11 7.76 -1.17
C PRO C 149 20.76 9.10 -0.49
N ARG C 150 19.48 9.36 -0.28
CA ARG C 150 19.03 10.65 0.19
C ARG C 150 18.85 10.66 1.72
N ILE C 151 19.46 11.67 2.35
CA ILE C 151 19.52 11.70 3.79
C ILE C 151 18.37 12.58 4.29
N LYS C 152 17.90 12.24 5.50
CA LYS C 152 16.91 13.02 6.27
C LYS C 152 17.41 13.22 7.67
N LEU C 153 17.44 14.45 8.16
CA LEU C 153 17.69 14.72 9.55
C LEU C 153 16.39 14.56 10.37
N ILE C 154 16.51 13.88 11.51
CA ILE C 154 15.41 13.62 12.39
C ILE C 154 15.70 14.09 13.80
N ASP C 155 14.62 14.08 14.59
CA ASP C 155 14.65 14.24 16.04
C ASP C 155 14.97 15.68 16.43
N PHE C 156 13.93 16.50 16.44
CA PHE C 156 14.00 17.91 16.81
C PHE C 156 13.56 18.10 18.26
N GLY C 157 13.82 17.06 19.06
CA GLY C 157 13.41 17.01 20.45
C GLY C 157 14.07 18.02 21.35
N ILE C 158 15.31 18.43 21.02
CA ILE C 158 15.96 19.52 21.76
C ILE C 158 16.37 20.69 20.88
N ALA C 159 15.84 20.75 19.66
CA ALA C 159 16.13 21.88 18.79
C ALA C 159 15.60 23.20 19.39
N HIS C 160 16.26 24.30 19.08
CA HIS C 160 15.90 25.59 19.64
C HIS C 160 16.19 26.75 18.68
N LYS C 161 15.30 27.74 18.67
CA LYS C 161 15.56 29.02 18.02
C LYS C 161 16.54 29.80 18.83
N ILE C 162 17.62 30.27 18.23
CA ILE C 162 18.62 31.09 18.91
C ILE C 162 18.37 32.57 18.63
N GLU C 163 18.05 33.36 19.65
CA GLU C 163 17.90 34.85 19.54
C GLU C 163 19.19 35.53 20.03
N ALA C 164 19.80 36.37 19.20
CA ALA C 164 21.11 36.96 19.57
C ALA C 164 20.91 37.97 20.68
N GLY C 165 21.87 38.01 21.61
CA GLY C 165 21.76 38.80 22.85
C GLY C 165 20.90 38.17 23.95
N ASN C 166 20.55 36.90 23.77
CA ASN C 166 19.72 36.15 24.72
C ASN C 166 20.43 34.83 24.99
N GLU C 167 20.93 34.69 26.20
CA GLU C 167 21.84 33.59 26.53
C GLU C 167 21.01 32.31 26.70
N PHE C 168 21.51 31.24 26.13
CA PHE C 168 20.92 29.95 26.26
C PHE C 168 22.01 28.99 26.71
N LYS C 169 21.77 28.38 27.86
CA LYS C 169 22.61 27.34 28.39
C LYS C 169 21.80 26.09 28.70
N ASN C 170 22.36 24.93 28.43
CA ASN C 170 21.74 23.65 28.82
C ASN C 170 22.77 22.53 28.79
N ILE C 171 22.46 21.45 29.49
CA ILE C 171 23.27 20.23 29.39
C ILE C 171 22.38 19.16 28.73
N PHE C 172 22.74 18.78 27.52
CA PHE C 172 21.93 17.87 26.72
C PHE C 172 22.75 17.24 25.60
N GLY C 173 22.14 16.36 24.83
CA GLY C 173 22.84 15.70 23.71
C GLY C 173 23.46 14.42 24.19
N THR C 174 24.18 13.75 23.31
CA THR C 174 24.93 12.52 23.62
C THR C 174 26.40 12.90 23.81
N PRO C 175 27.01 12.66 24.98
CA PRO C 175 28.32 13.20 25.34
C PRO C 175 29.36 13.19 24.22
N GLU C 176 29.57 12.03 23.63
CA GLU C 176 30.51 11.83 22.53
C GLU C 176 30.44 12.90 21.40
N PHE C 177 29.24 13.44 21.15
CA PHE C 177 28.99 14.32 20.03
C PHE C 177 28.77 15.80 20.33
N VAL C 178 28.86 16.19 21.60
CA VAL C 178 28.53 17.57 22.00
C VAL C 178 29.75 18.49 21.98
N ALA C 179 29.53 19.76 21.70
CA ALA C 179 30.57 20.76 21.71
C ALA C 179 31.06 21.04 23.15
N PRO C 180 32.26 21.62 23.28
CA PRO C 180 32.79 21.94 24.63
C PRO C 180 31.97 22.96 25.40
N GLU C 181 31.25 23.82 24.68
CA GLU C 181 30.36 24.77 25.32
C GLU C 181 29.16 24.10 26.01
N ILE C 182 28.78 22.90 25.56
CA ILE C 182 27.79 22.10 26.27
C ILE C 182 28.43 21.49 27.50
N VAL C 183 29.61 20.93 27.34
CA VAL C 183 30.30 20.27 28.45
C VAL C 183 30.58 21.26 29.58
N ASN C 184 31.02 22.46 29.22
CA ASN C 184 31.38 23.47 30.21
C ASN C 184 30.22 24.38 30.67
N TYR C 185 29.00 24.12 30.23
CA TYR C 185 27.86 24.96 30.63
C TYR C 185 28.14 26.47 30.36
N GLU C 186 28.41 26.71 29.08
CA GLU C 186 28.70 28.02 28.52
C GLU C 186 27.66 28.34 27.45
N PRO C 187 27.59 29.63 27.03
CA PRO C 187 26.51 30.01 26.11
C PRO C 187 26.50 29.23 24.82
N LEU C 188 25.31 28.84 24.40
CA LEU C 188 25.10 27.99 23.26
C LEU C 188 24.52 28.73 22.06
N GLY C 189 24.80 28.22 20.87
CA GLY C 189 24.22 28.77 19.67
C GLY C 189 24.30 27.79 18.53
N LEU C 190 24.23 28.34 17.32
CA LEU C 190 24.32 27.56 16.07
C LEU C 190 25.67 26.89 15.91
N GLU C 191 26.70 27.41 16.55
CA GLU C 191 28.06 26.87 16.43
C GLU C 191 28.19 25.47 16.97
N ALA C 192 27.37 25.11 17.95
CA ALA C 192 27.39 23.72 18.50
C ALA C 192 27.09 22.68 17.44
N ASP C 193 26.18 22.95 16.50
CA ASP C 193 25.88 22.01 15.44
C ASP C 193 27.14 21.75 14.55
N MET C 194 27.97 22.79 14.36
CA MET C 194 29.14 22.70 13.49
C MET C 194 30.22 21.82 14.11
N TRP C 195 30.44 21.97 15.40
CA TRP C 195 31.28 21.01 16.12
C TRP C 195 30.79 19.58 15.85
N SER C 196 29.50 19.34 16.06
CA SER C 196 28.92 17.99 15.88
C SER C 196 29.11 17.50 14.45
N ILE C 197 29.01 18.38 13.47
CA ILE C 197 29.34 18.04 12.06
C ILE C 197 30.79 17.61 11.91
N GLY C 198 31.69 18.25 12.63
CA GLY C 198 33.10 17.82 12.66
C GLY C 198 33.31 16.39 13.19
N VAL C 199 32.57 16.08 14.25
CA VAL C 199 32.57 14.74 14.84
C VAL C 199 31.99 13.69 13.88
N ILE C 200 30.86 14.01 13.30
CA ILE C 200 30.25 13.13 12.29
C ILE C 200 31.19 12.86 11.11
N THR C 201 31.85 13.91 10.64
CA THR C 201 32.77 13.79 9.50
C THR C 201 33.96 12.85 9.85
N TYR C 202 34.55 13.07 11.03
CA TYR C 202 35.61 12.21 11.54
C TYR C 202 35.18 10.71 11.52
N ILE C 203 33.97 10.45 11.99
CA ILE C 203 33.46 9.08 12.08
C ILE C 203 33.22 8.51 10.69
N LEU C 204 32.64 9.32 9.80
CA LEU C 204 32.43 8.92 8.40
C LEU C 204 33.67 8.37 7.70
N LEU C 205 34.80 9.04 7.89
CA LEU C 205 36.05 8.71 7.19
C LEU C 205 36.89 7.60 7.83
N SER C 206 36.72 7.42 9.13
CA SER C 206 37.57 6.56 9.94
C SER C 206 36.84 5.40 10.56
N GLY C 207 35.56 5.58 10.87
CA GLY C 207 34.84 4.63 11.70
C GLY C 207 35.29 4.63 13.18
N ALA C 208 35.95 5.70 13.62
CA ALA C 208 36.31 5.88 15.01
C ALA C 208 35.68 7.20 15.49
N SER C 209 35.40 7.28 16.79
CA SER C 209 34.86 8.48 17.40
C SER C 209 36.03 9.31 17.91
N PRO C 210 36.11 10.60 17.59
CA PRO C 210 37.31 11.35 17.92
C PRO C 210 37.65 11.58 19.40
N PHE C 211 36.64 11.75 20.26
CA PHE C 211 36.86 12.11 21.67
C PHE C 211 36.50 11.01 22.69
N LEU C 212 35.82 9.97 22.23
CA LEU C 212 35.42 8.85 23.02
C LEU C 212 36.60 8.29 23.81
N GLY C 213 36.47 8.24 25.15
CA GLY C 213 37.48 7.69 26.02
C GLY C 213 36.97 6.40 26.62
N GLU C 214 37.73 5.87 27.57
CA GLU C 214 37.38 4.63 28.26
C GLU C 214 36.19 4.78 29.24
N THR C 215 35.88 6.02 29.63
CA THR C 215 34.77 6.37 30.52
C THR C 215 34.17 7.67 30.04
N LYS C 216 32.99 8.01 30.52
CA LYS C 216 32.37 9.31 30.28
C LYS C 216 33.29 10.43 30.73
N GLN C 217 33.92 10.27 31.87
CA GLN C 217 34.83 11.25 32.39
C GLN C 217 35.96 11.60 31.42
N GLU C 218 36.58 10.59 30.79
CA GLU C 218 37.64 10.82 29.78
C GLU C 218 37.09 11.49 28.54
N THR C 219 35.95 11.03 28.07
CA THR C 219 35.34 11.61 26.90
C THR C 219 35.15 13.13 27.07
N LEU C 220 34.60 13.54 28.22
CA LEU C 220 34.28 14.94 28.49
C LEU C 220 35.55 15.78 28.60
N THR C 221 36.58 15.23 29.24
CA THR C 221 37.94 15.84 29.28
C THR C 221 38.51 16.05 27.91
N ASN C 222 38.39 15.04 27.04
CA ASN C 222 38.96 15.10 25.70
C ASN C 222 38.21 16.15 24.91
N ILE C 223 36.90 16.21 25.05
CA ILE C 223 36.12 17.23 24.35
C ILE C 223 36.47 18.65 24.84
N SER C 224 36.54 18.81 26.14
CA SER C 224 36.78 20.12 26.73
C SER C 224 38.17 20.66 26.38
N ALA C 225 39.18 19.79 26.32
CA ALA C 225 40.52 20.19 25.93
C ALA C 225 40.77 20.08 24.42
N VAL C 226 39.81 19.56 23.65
CA VAL C 226 40.01 19.28 22.26
C VAL C 226 41.23 18.37 22.05
N ASN C 227 41.21 17.20 22.65
CA ASN C 227 42.27 16.20 22.53
C ASN C 227 41.80 15.19 21.50
N TYR C 228 42.28 15.30 20.27
CA TYR C 228 42.05 14.25 19.26
C TYR C 228 43.23 14.21 18.31
N ASP C 229 43.31 13.13 17.54
CA ASP C 229 44.34 13.02 16.51
C ASP C 229 43.81 12.31 15.26
N PHE C 230 44.65 12.21 14.23
CA PHE C 230 44.33 11.51 13.02
C PHE C 230 45.18 10.25 12.93
N ASP C 231 44.94 9.32 13.85
CA ASP C 231 45.66 8.05 13.89
C ASP C 231 45.74 7.39 12.51
N GLU C 232 46.97 7.10 12.10
CA GLU C 232 47.26 6.42 10.84
C GLU C 232 46.53 5.08 10.64
N GLU C 233 46.22 4.36 11.73
CA GLU C 233 45.35 3.17 11.63
C GLU C 233 43.99 3.46 10.99
N TYR C 234 43.42 4.61 11.32
CA TYR C 234 42.10 5.00 10.81
C TYR C 234 42.14 5.95 9.62
N PHE C 235 43.14 6.82 9.55
CA PHE C 235 43.16 7.90 8.55
C PHE C 235 44.24 7.83 7.47
N SER C 236 44.88 6.69 7.26
CA SER C 236 45.90 6.58 6.19
C SER C 236 45.31 6.77 4.77
N ASN C 237 44.03 6.49 4.61
CA ASN C 237 43.32 6.87 3.35
C ASN C 237 42.57 8.23 3.51
N THR C 238 43.28 9.26 4.00
CA THR C 238 42.66 10.60 4.19
C THR C 238 43.48 11.81 3.64
N SER C 239 42.87 12.58 2.75
CA SER C 239 43.50 13.79 2.17
C SER C 239 43.73 14.86 3.20
N GLU C 240 44.72 15.70 2.93
CA GLU C 240 45.00 16.89 3.78
C GLU C 240 43.79 17.84 3.82
N LEU C 241 43.08 17.93 2.71
CA LEU C 241 41.87 18.74 2.64
C LEU C 241 40.77 18.31 3.61
N ALA C 242 40.46 17.02 3.61
CA ALA C 242 39.46 16.45 4.56
C ALA C 242 39.86 16.67 6.02
N LYS C 243 41.15 16.52 6.32
CA LYS C 243 41.63 16.79 7.65
C LYS C 243 41.50 18.28 8.00
N ASP C 244 41.81 19.14 7.04
CA ASP C 244 41.63 20.57 7.30
C ASP C 244 40.16 20.94 7.57
N PHE C 245 39.26 20.35 6.80
CA PHE C 245 37.84 20.56 7.00
C PHE C 245 37.42 20.21 8.42
N ILE C 246 37.86 19.06 8.91
CA ILE C 246 37.54 18.65 10.31
C ILE C 246 38.20 19.57 11.33
N ARG C 247 39.48 19.84 11.15
CA ARG C 247 40.29 20.77 12.00
C ARG C 247 39.64 22.13 12.20
N ARG C 248 38.96 22.64 11.16
CA ARG C 248 38.29 23.92 11.23
C ARG C 248 36.96 23.90 11.98
N LEU C 249 36.44 22.70 12.24
CA LEU C 249 35.20 22.53 12.97
C LEU C 249 35.45 22.14 14.44
N LEU C 250 36.47 21.32 14.68
CA LEU C 250 36.80 20.93 16.07
C LEU C 250 37.67 22.02 16.74
N VAL C 251 37.05 23.16 17.00
CA VAL C 251 37.71 24.32 17.50
C VAL C 251 36.96 24.75 18.74
N LYS C 252 37.68 24.97 19.84
CA LYS C 252 37.04 25.20 21.12
C LYS C 252 36.23 26.48 21.10
N ASP C 253 36.83 27.59 20.67
CA ASP C 253 36.15 28.87 20.70
C ASP C 253 35.09 28.87 19.61
N PRO C 254 33.81 28.97 19.98
CA PRO C 254 32.79 28.87 18.94
C PRO C 254 32.87 30.00 17.92
N LYS C 255 33.37 31.16 18.32
CA LYS C 255 33.57 32.29 17.40
C LYS C 255 34.68 32.07 16.36
N ARG C 256 35.57 31.12 16.57
CA ARG C 256 36.61 30.80 15.60
C ARG C 256 36.28 29.58 14.76
N ARG C 257 35.18 28.92 15.07
CA ARG C 257 34.82 27.66 14.43
C ARG C 257 34.21 28.03 13.10
N MET C 258 34.49 27.20 12.10
CA MET C 258 33.89 27.41 10.78
C MET C 258 32.38 27.34 10.87
N THR C 259 31.70 28.31 10.24
CA THR C 259 30.24 28.34 10.16
C THR C 259 29.72 27.50 9.00
N ILE C 260 28.41 27.32 8.96
CA ILE C 260 27.77 26.51 7.92
C ILE C 260 27.99 27.00 6.48
N ALA C 261 27.89 28.31 6.23
CA ALA C 261 28.16 28.85 4.87
C ALA C 261 29.62 28.67 4.46
N GLN C 262 30.52 28.94 5.39
CA GLN C 262 31.94 28.75 5.15
C GLN C 262 32.23 27.28 4.80
N SER C 263 31.59 26.35 5.51
CA SER C 263 31.80 24.92 5.30
C SER C 263 31.35 24.43 3.92
N LEU C 264 30.29 25.01 3.37
CA LEU C 264 29.82 24.72 2.00
C LEU C 264 30.72 25.28 0.91
N GLU C 265 31.54 26.27 1.27
CA GLU C 265 32.46 26.92 0.36
C GLU C 265 33.91 26.37 0.49
N HIS C 266 34.16 25.49 1.46
CA HIS C 266 35.48 24.91 1.69
C HIS C 266 35.87 23.97 0.56
N SER C 267 37.16 23.93 0.25
CA SER C 267 37.62 23.27 -1.01
C SER C 267 37.27 21.79 -1.16
N TRP C 268 37.32 21.07 -0.03
CA TRP C 268 36.93 19.66 0.06
C TRP C 268 35.51 19.40 -0.36
N ILE C 269 34.60 20.29 -0.01
CA ILE C 269 33.18 20.16 -0.38
C ILE C 269 32.96 20.65 -1.80
N LYS C 270 33.57 21.78 -2.15
CA LYS C 270 33.49 22.33 -3.51
C LYS C 270 34.03 21.39 -4.61
N ALA C 271 35.10 20.63 -4.31
CA ALA C 271 35.69 19.64 -5.25
C ALA C 271 34.74 18.45 -5.24
N ILE C 272 33.66 18.61 -6.00
CA ILE C 272 32.50 17.67 -6.14
C ILE C 272 32.53 16.41 -5.21
N SER D 1 -11.34 -22.04 -5.48
CA SER D 1 -9.98 -21.69 -5.03
C SER D 1 -9.96 -20.77 -3.80
N MET D 2 -8.75 -20.45 -3.41
CA MET D 2 -8.50 -19.41 -2.45
C MET D 2 -8.13 -18.07 -3.06
N VAL D 3 -8.52 -17.71 -4.29
CA VAL D 3 -8.24 -16.38 -4.82
C VAL D 3 -8.72 -15.23 -3.89
N GLU D 4 -9.89 -15.35 -3.28
CA GLU D 4 -10.42 -14.29 -2.41
C GLU D 4 -9.75 -14.23 -1.03
N ASP D 5 -9.04 -15.30 -0.64
CA ASP D 5 -8.14 -15.25 0.53
C ASP D 5 -6.88 -14.44 0.32
N HIS D 6 -6.47 -14.25 -0.94
CA HIS D 6 -5.27 -13.52 -1.24
C HIS D 6 -5.52 -12.09 -1.78
N TYR D 7 -6.60 -11.95 -2.57
CA TYR D 7 -6.89 -10.70 -3.29
C TYR D 7 -8.32 -10.22 -2.95
N GLU D 8 -8.40 -8.95 -2.54
CA GLU D 8 -9.68 -8.25 -2.32
C GLU D 8 -10.09 -7.64 -3.67
N MET D 9 -11.26 -8.05 -4.16
CA MET D 9 -11.79 -7.60 -5.42
C MET D 9 -12.47 -6.23 -5.30
N GLY D 10 -12.37 -5.45 -6.38
CA GLY D 10 -12.90 -4.11 -6.42
C GLY D 10 -13.65 -3.83 -7.71
N GLU D 11 -13.59 -2.55 -8.12
CA GLU D 11 -14.36 -2.05 -9.27
C GLU D 11 -14.03 -2.80 -10.58
N GLU D 12 -15.11 -3.05 -11.32
CA GLU D 12 -15.04 -3.58 -12.63
C GLU D 12 -14.35 -2.59 -13.62
N LEU D 13 -13.44 -3.10 -14.43
CA LEU D 13 -12.68 -2.29 -15.38
C LEU D 13 -12.99 -2.55 -16.87
N GLY D 14 -13.56 -3.72 -17.15
CA GLY D 14 -13.76 -4.15 -18.53
C GLY D 14 -14.57 -5.44 -18.57
N SER D 15 -15.44 -5.55 -19.59
CA SER D 15 -16.11 -6.79 -19.90
C SER D 15 -15.86 -7.10 -21.37
N GLY D 16 -15.54 -8.37 -21.63
CA GLY D 16 -15.42 -8.92 -22.97
C GLY D 16 -16.53 -9.93 -23.05
N GLN D 17 -16.45 -10.83 -24.03
CA GLN D 17 -17.58 -11.73 -24.31
C GLN D 17 -17.77 -12.77 -23.19
N PHE D 18 -16.68 -13.42 -22.75
CA PHE D 18 -16.74 -14.31 -21.57
C PHE D 18 -15.66 -14.01 -20.52
N ALA D 19 -15.18 -12.76 -20.50
CA ALA D 19 -14.20 -12.28 -19.51
C ALA D 19 -14.72 -11.04 -18.81
N ILE D 20 -14.44 -10.93 -17.52
CA ILE D 20 -14.65 -9.69 -16.78
C ILE D 20 -13.33 -9.41 -16.07
N VAL D 21 -12.92 -8.14 -16.05
CA VAL D 21 -11.66 -7.72 -15.44
C VAL D 21 -11.96 -6.73 -14.31
N ARG D 22 -11.47 -7.02 -13.12
CA ARG D 22 -11.68 -6.15 -11.96
C ARG D 22 -10.35 -5.75 -11.38
N LYS D 23 -10.36 -4.58 -10.73
CA LYS D 23 -9.25 -4.14 -9.93
C LYS D 23 -9.26 -5.03 -8.68
N CYS D 24 -8.06 -5.40 -8.22
CA CYS D 24 -7.97 -6.10 -6.95
C CYS D 24 -6.74 -5.68 -6.16
N ARG D 25 -6.70 -6.07 -4.92
CA ARG D 25 -5.64 -5.64 -4.06
C ARG D 25 -5.12 -6.83 -3.27
N GLN D 26 -3.81 -7.02 -3.32
CA GLN D 26 -3.15 -8.13 -2.65
C GLN D 26 -3.23 -7.81 -1.15
N LYS D 27 -3.84 -8.72 -0.40
CA LYS D 27 -4.11 -8.50 1.04
C LYS D 27 -2.88 -8.34 1.93
N GLY D 28 -1.81 -9.06 1.62
CA GLY D 28 -0.59 -8.98 2.43
C GLY D 28 0.19 -7.67 2.32
N THR D 29 0.14 -7.08 1.12
CA THR D 29 1.04 -5.98 0.73
C THR D 29 0.37 -4.64 0.38
N GLY D 30 -0.93 -4.65 0.04
CA GLY D 30 -1.56 -3.46 -0.53
C GLY D 30 -1.29 -3.23 -2.02
N LYS D 31 -0.55 -4.12 -2.71
CA LYS D 31 -0.23 -3.93 -4.14
C LYS D 31 -1.44 -4.21 -5.01
N GLU D 32 -1.61 -3.42 -6.06
CA GLU D 32 -2.84 -3.51 -6.87
C GLU D 32 -2.59 -4.33 -8.12
N TYR D 33 -3.60 -5.09 -8.52
CA TYR D 33 -3.50 -5.95 -9.69
C TYR D 33 -4.80 -5.90 -10.42
N ALA D 34 -4.77 -6.48 -11.61
CA ALA D 34 -5.98 -6.66 -12.41
C ALA D 34 -6.34 -8.15 -12.37
N ALA D 35 -7.62 -8.45 -12.12
CA ALA D 35 -8.05 -9.85 -12.03
C ALA D 35 -8.97 -10.11 -13.18
N LYS D 36 -8.62 -11.07 -14.03
CA LYS D 36 -9.38 -11.41 -15.23
C LYS D 36 -10.07 -12.74 -15.04
N PHE D 37 -11.39 -12.67 -14.84
CA PHE D 37 -12.23 -13.84 -14.65
C PHE D 37 -12.67 -14.34 -16.01
N ILE D 38 -12.45 -15.62 -16.32
CA ILE D 38 -12.79 -16.18 -17.62
C ILE D 38 -13.72 -17.35 -17.40
N LYS D 39 -14.95 -17.20 -17.92
CA LYS D 39 -16.02 -18.16 -17.73
C LYS D 39 -15.69 -19.45 -18.47
N LYS D 40 -15.82 -20.57 -17.76
CA LYS D 40 -15.56 -21.89 -18.30
C LYS D 40 -16.81 -22.53 -18.87
N ARG D 41 -16.72 -23.05 -20.08
CA ARG D 41 -17.74 -23.89 -20.64
C ARG D 41 -18.02 -25.15 -19.81
N ARG D 42 -19.24 -25.22 -19.30
CA ARG D 42 -19.74 -26.38 -18.59
C ARG D 42 -21.02 -26.60 -19.34
N LEU D 43 -21.15 -27.74 -20.03
CA LEU D 43 -22.42 -28.02 -20.69
C LEU D 43 -23.45 -28.68 -19.78
N SER D 44 -23.06 -29.00 -18.53
CA SER D 44 -23.99 -29.45 -17.48
C SER D 44 -24.94 -28.30 -17.08
N VAL D 50 -15.86 -20.50 -22.38
CA VAL D 50 -14.63 -20.73 -23.13
C VAL D 50 -14.12 -22.13 -22.85
N SER D 51 -13.69 -22.83 -23.88
CA SER D 51 -13.18 -24.20 -23.71
C SER D 51 -11.88 -24.20 -22.97
N ARG D 52 -11.66 -25.30 -22.25
CA ARG D 52 -10.41 -25.57 -21.53
C ARG D 52 -9.19 -25.35 -22.42
N GLU D 53 -9.28 -25.78 -23.66
CA GLU D 53 -8.19 -25.67 -24.63
C GLU D 53 -7.85 -24.23 -24.96
N GLU D 54 -8.84 -23.36 -25.05
CA GLU D 54 -8.57 -21.90 -25.32
C GLU D 54 -7.99 -21.18 -24.14
N ILE D 55 -8.32 -21.61 -22.95
CA ILE D 55 -7.79 -21.00 -21.75
C ILE D 55 -6.31 -21.35 -21.59
N GLU D 56 -6.01 -22.64 -21.71
CA GLU D 56 -4.63 -23.10 -21.76
C GLU D 56 -3.77 -22.38 -22.82
N ARG D 57 -4.30 -22.18 -24.01
CA ARG D 57 -3.58 -21.46 -25.05
C ARG D 57 -3.19 -20.07 -24.56
N GLU D 58 -4.13 -19.33 -23.97
CA GLU D 58 -3.85 -17.99 -23.49
C GLU D 58 -2.81 -18.03 -22.40
N VAL D 59 -2.96 -18.98 -21.48
CA VAL D 59 -2.10 -19.09 -20.31
C VAL D 59 -0.68 -19.51 -20.69
N ASN D 60 -0.56 -20.50 -21.58
CA ASN D 60 0.75 -20.96 -22.06
C ASN D 60 1.44 -19.82 -22.79
N ILE D 61 0.70 -19.00 -23.50
CA ILE D 61 1.30 -17.86 -24.18
C ILE D 61 1.80 -16.85 -23.15
N LEU D 62 0.99 -16.52 -22.16
CA LEU D 62 1.42 -15.60 -21.08
C LEU D 62 2.61 -16.12 -20.31
N ARG D 63 2.62 -17.43 -20.03
CA ARG D 63 3.75 -18.07 -19.32
C ARG D 63 5.07 -17.86 -20.07
N GLU D 64 5.04 -18.06 -21.38
CA GLU D 64 6.20 -18.01 -22.20
C GLU D 64 6.78 -16.56 -22.41
N ILE D 65 5.96 -15.55 -22.25
CA ILE D 65 6.40 -14.21 -22.62
C ILE D 65 6.84 -13.41 -21.41
N ARG D 66 8.06 -12.90 -21.47
CA ARG D 66 8.64 -12.05 -20.45
C ARG D 66 9.34 -10.89 -21.17
N HIS D 67 8.70 -9.72 -21.18
CA HIS D 67 9.19 -8.54 -21.91
C HIS D 67 8.64 -7.28 -21.22
N PRO D 68 9.45 -6.20 -21.10
CA PRO D 68 8.96 -5.02 -20.36
C PRO D 68 7.77 -4.30 -20.99
N ASN D 69 7.56 -4.46 -22.30
CA ASN D 69 6.38 -3.89 -22.97
C ASN D 69 5.19 -4.83 -23.11
N ILE D 70 5.16 -5.90 -22.34
CA ILE D 70 4.10 -6.88 -22.39
C ILE D 70 3.65 -7.18 -20.98
N ILE D 71 2.34 -7.25 -20.80
CA ILE D 71 1.71 -7.53 -19.53
C ILE D 71 2.26 -8.84 -18.88
N THR D 72 2.44 -8.76 -17.55
CA THR D 72 2.92 -9.87 -16.77
C THR D 72 1.78 -10.56 -16.04
N LEU D 73 1.75 -11.88 -16.20
CA LEU D 73 0.82 -12.74 -15.46
C LEU D 73 1.43 -13.03 -14.09
N HIS D 74 0.73 -12.66 -13.04
CA HIS D 74 1.27 -12.85 -11.69
C HIS D 74 0.84 -14.12 -11.00
N ASP D 75 -0.41 -14.51 -11.16
CA ASP D 75 -0.96 -15.64 -10.41
C ASP D 75 -2.15 -16.20 -11.17
N ILE D 76 -2.65 -17.34 -10.74
CA ILE D 76 -3.65 -18.11 -11.51
C ILE D 76 -4.43 -19.01 -10.57
N PHE D 77 -5.77 -18.93 -10.63
CA PHE D 77 -6.66 -19.71 -9.77
C PHE D 77 -7.78 -20.25 -10.63
N GLU D 78 -8.40 -21.32 -10.15
CA GLU D 78 -9.58 -21.87 -10.79
C GLU D 78 -10.57 -22.34 -9.75
N ASN D 79 -11.80 -21.93 -9.93
CA ASN D 79 -12.93 -22.47 -9.17
C ASN D 79 -13.88 -23.12 -10.17
N LYS D 80 -15.06 -23.53 -9.74
CA LYS D 80 -15.97 -24.35 -10.58
C LYS D 80 -16.50 -23.68 -11.82
N THR D 81 -16.61 -22.36 -11.81
CA THR D 81 -17.20 -21.64 -12.93
C THR D 81 -16.18 -20.88 -13.75
N ASP D 82 -15.04 -20.54 -13.16
CA ASP D 82 -14.12 -19.57 -13.73
C ASP D 82 -12.65 -19.89 -13.54
N VAL D 83 -11.86 -19.36 -14.45
CA VAL D 83 -10.42 -19.29 -14.31
C VAL D 83 -10.04 -17.84 -14.15
N VAL D 84 -9.26 -17.55 -13.09
CA VAL D 84 -8.95 -16.17 -12.72
C VAL D 84 -7.46 -15.96 -12.90
N LEU D 85 -7.10 -15.01 -13.77
CA LEU D 85 -5.74 -14.62 -13.99
C LEU D 85 -5.47 -13.32 -13.23
N ILE D 86 -4.47 -13.32 -12.35
CA ILE D 86 -4.04 -12.12 -11.68
C ILE D 86 -2.95 -11.54 -12.55
N LEU D 87 -3.20 -10.36 -13.09
CA LEU D 87 -2.32 -9.72 -14.04
C LEU D 87 -1.81 -8.43 -13.44
N GLU D 88 -0.71 -7.96 -14.03
CA GLU D 88 -0.12 -6.69 -13.69
C GLU D 88 -1.17 -5.61 -13.98
N LEU D 89 -1.35 -4.69 -13.06
CA LEU D 89 -2.29 -3.58 -13.26
C LEU D 89 -1.63 -2.40 -14.01
N VAL D 90 -2.26 -1.98 -15.10
CA VAL D 90 -1.80 -0.76 -15.77
C VAL D 90 -2.65 0.42 -15.34
N SER D 91 -2.04 1.38 -14.65
CA SER D 91 -2.79 2.49 -14.05
C SER D 91 -2.78 3.77 -14.87
N GLY D 92 -2.11 3.77 -16.01
CA GLY D 92 -2.10 4.93 -16.91
C GLY D 92 -3.21 4.98 -17.94
N GLY D 93 -3.97 3.89 -18.08
CA GLY D 93 -5.09 3.88 -19.01
C GLY D 93 -4.65 3.56 -20.43
N GLU D 94 -5.60 3.66 -21.36
CA GLU D 94 -5.36 3.35 -22.73
C GLU D 94 -4.51 4.45 -23.40
N LEU D 95 -3.84 4.04 -24.47
CA LEU D 95 -2.93 4.91 -25.19
C LEU D 95 -3.62 6.14 -25.72
N PHE D 96 -4.65 5.93 -26.52
CA PHE D 96 -5.19 7.00 -27.34
C PHE D 96 -5.70 8.17 -26.48
N ASP D 97 -6.14 7.86 -25.26
CA ASP D 97 -6.16 8.88 -24.17
C ASP D 97 -4.78 8.84 -23.33
N GLU D 101 -7.18 13.75 -23.45
CA GLU D 101 -6.84 13.18 -24.76
C GLU D 101 -6.06 14.19 -25.54
N LYS D 102 -4.99 13.76 -26.21
CA LYS D 102 -4.40 14.51 -27.35
C LYS D 102 -5.19 14.11 -28.58
N GLU D 103 -5.60 15.08 -29.40
CA GLU D 103 -6.38 14.77 -30.62
C GLU D 103 -5.54 13.81 -31.51
N SER D 104 -4.37 14.29 -31.91
CA SER D 104 -3.39 13.57 -32.70
C SER D 104 -2.03 13.77 -32.02
N LEU D 105 -0.97 13.20 -32.59
CA LEU D 105 0.39 13.39 -32.05
C LEU D 105 1.46 14.03 -33.00
N THR D 106 2.56 14.59 -32.42
CA THR D 106 3.77 14.88 -33.20
C THR D 106 4.44 13.60 -33.62
N GLU D 107 5.28 13.66 -34.67
CA GLU D 107 6.00 12.47 -35.09
C GLU D 107 7.01 11.97 -34.07
N ASP D 108 7.65 12.88 -33.32
CA ASP D 108 8.55 12.41 -32.29
C ASP D 108 7.83 11.65 -31.19
N GLU D 109 6.72 12.22 -30.67
CA GLU D 109 6.02 11.57 -29.58
C GLU D 109 5.39 10.28 -30.05
N ALA D 110 4.85 10.29 -31.26
CA ALA D 110 4.29 9.06 -31.82
C ALA D 110 5.33 7.97 -31.99
N THR D 111 6.50 8.31 -32.53
CA THR D 111 7.48 7.27 -32.79
C THR D 111 8.02 6.67 -31.48
N GLN D 112 8.03 7.44 -30.39
CA GLN D 112 8.50 6.92 -29.14
C GLN D 112 7.57 5.85 -28.59
N PHE D 113 6.24 6.05 -28.72
CA PHE D 113 5.29 5.01 -28.34
C PHE D 113 5.37 3.86 -29.27
N LEU D 114 5.34 4.16 -30.55
CA LEU D 114 5.40 3.15 -31.58
C LEU D 114 6.60 2.24 -31.49
N LYS D 115 7.76 2.76 -31.20
CA LYS D 115 8.96 1.92 -31.05
C LYS D 115 8.80 0.87 -29.92
N GLN D 116 8.12 1.26 -28.84
CA GLN D 116 7.83 0.34 -27.78
C GLN D 116 6.90 -0.79 -28.20
N ILE D 117 5.86 -0.46 -28.96
CA ILE D 117 4.95 -1.45 -29.52
C ILE D 117 5.71 -2.41 -30.44
N LEU D 118 6.54 -1.86 -31.30
CA LEU D 118 7.36 -2.64 -32.22
C LEU D 118 8.31 -3.59 -31.48
N ASP D 119 8.93 -3.13 -30.39
CA ASP D 119 9.82 -4.00 -29.60
C ASP D 119 9.05 -5.16 -29.00
N GLY D 120 7.86 -4.85 -28.49
CA GLY D 120 6.99 -5.86 -27.94
C GLY D 120 6.64 -6.90 -28.98
N VAL D 121 6.21 -6.46 -30.16
CA VAL D 121 5.75 -7.34 -31.23
C VAL D 121 6.94 -8.12 -31.82
N HIS D 122 8.11 -7.52 -31.82
CA HIS D 122 9.32 -8.18 -32.24
C HIS D 122 9.62 -9.38 -31.34
N TYR D 123 9.44 -9.18 -30.04
CA TYR D 123 9.63 -10.27 -29.11
C TYR D 123 8.62 -11.40 -29.38
N LEU D 124 7.36 -11.03 -29.50
CA LEU D 124 6.28 -11.99 -29.81
C LEU D 124 6.56 -12.77 -31.06
N HIS D 125 6.81 -12.06 -32.16
CA HIS D 125 7.06 -12.68 -33.47
C HIS D 125 8.29 -13.54 -33.48
N SER D 126 9.29 -13.20 -32.68
CA SER D 126 10.47 -14.05 -32.61
C SER D 126 10.16 -15.38 -31.93
N LYS D 127 9.05 -15.47 -31.18
CA LYS D 127 8.54 -16.71 -30.58
C LYS D 127 7.41 -17.36 -31.39
N ARG D 128 7.18 -16.83 -32.58
CA ARG D 128 6.11 -17.22 -33.48
C ARG D 128 4.74 -17.00 -32.92
N ILE D 129 4.58 -15.99 -32.06
CA ILE D 129 3.27 -15.66 -31.49
C ILE D 129 2.70 -14.44 -32.20
N ALA D 130 1.52 -14.60 -32.78
CA ALA D 130 0.72 -13.49 -33.26
C ALA D 130 -0.29 -13.11 -32.19
N HIS D 131 -0.40 -11.79 -31.95
CA HIS D 131 -1.35 -11.24 -31.01
C HIS D 131 -2.77 -11.29 -31.55
N PHE D 132 -2.92 -10.85 -32.82
CA PHE D 132 -4.18 -10.82 -33.58
C PHE D 132 -5.23 -9.80 -33.11
N ASP D 133 -4.95 -9.05 -32.05
CA ASP D 133 -5.91 -8.10 -31.52
C ASP D 133 -5.23 -6.75 -31.17
N LEU D 134 -4.21 -6.36 -31.95
CA LEU D 134 -3.51 -5.11 -31.69
C LEU D 134 -4.38 -3.96 -32.14
N LYS D 135 -4.67 -3.06 -31.21
CA LYS D 135 -5.51 -1.92 -31.43
C LYS D 135 -5.30 -1.00 -30.25
N PRO D 136 -5.66 0.29 -30.36
CA PRO D 136 -5.45 1.27 -29.28
C PRO D 136 -5.90 0.85 -27.88
N GLU D 137 -7.08 0.26 -27.78
CA GLU D 137 -7.68 -0.24 -26.50
C GLU D 137 -6.77 -1.25 -25.75
N ASN D 138 -6.00 -2.03 -26.50
CA ASN D 138 -5.06 -2.98 -25.93
C ASN D 138 -3.60 -2.49 -25.74
N ILE D 139 -3.34 -1.20 -25.99
CA ILE D 139 -2.04 -0.53 -25.68
C ILE D 139 -2.26 0.30 -24.42
N MET D 140 -1.73 -0.16 -23.29
CA MET D 140 -1.89 0.53 -22.03
C MET D 140 -0.59 1.23 -21.59
N LEU D 141 -0.74 2.28 -20.80
CA LEU D 141 0.38 3.01 -20.27
C LEU D 141 0.45 2.76 -18.80
N LEU D 142 1.61 3.02 -18.23
CA LEU D 142 1.79 2.96 -16.77
C LEU D 142 1.92 4.33 -16.06
N ASP D 143 2.13 5.45 -16.76
CA ASP D 143 2.16 6.79 -16.13
C ASP D 143 1.38 7.80 -16.98
N VAL D 146 4.61 12.20 -17.68
CA VAL D 146 5.95 12.06 -18.29
C VAL D 146 5.85 12.29 -19.82
N PRO D 147 6.91 12.86 -20.46
CA PRO D 147 6.84 13.07 -21.94
C PRO D 147 6.59 11.80 -22.75
N ASN D 148 7.30 10.72 -22.46
CA ASN D 148 7.11 9.41 -23.16
C ASN D 148 7.04 8.27 -22.13
N PRO D 149 5.84 7.90 -21.68
CA PRO D 149 5.82 6.79 -20.65
C PRO D 149 5.91 5.37 -21.24
N ARG D 150 5.83 4.33 -20.41
CA ARG D 150 6.02 2.99 -20.82
C ARG D 150 4.71 2.30 -21.22
N ILE D 151 4.74 1.67 -22.39
CA ILE D 151 3.57 1.01 -22.90
C ILE D 151 3.63 -0.48 -22.51
N LYS D 152 2.44 -1.06 -22.35
CA LYS D 152 2.24 -2.50 -22.14
C LYS D 152 1.18 -2.99 -23.12
N LEU D 153 1.48 -4.05 -23.86
CA LEU D 153 0.47 -4.74 -24.64
C LEU D 153 -0.31 -5.74 -23.73
N ILE D 154 -1.63 -5.73 -23.88
CA ILE D 154 -2.51 -6.58 -23.14
C ILE D 154 -3.41 -7.39 -24.04
N ASP D 155 -4.09 -8.35 -23.40
CA ASP D 155 -5.19 -9.12 -23.96
C ASP D 155 -4.71 -10.10 -25.04
N PHE D 156 -4.27 -11.25 -24.55
CA PHE D 156 -3.79 -12.36 -25.37
C PHE D 156 -4.90 -13.39 -25.56
N GLY D 157 -6.12 -12.91 -25.55
CA GLY D 157 -7.31 -13.73 -25.63
C GLY D 157 -7.48 -14.45 -26.95
N ILE D 158 -6.96 -13.90 -28.05
CA ILE D 158 -6.95 -14.62 -29.32
C ILE D 158 -5.56 -14.80 -29.90
N ALA D 159 -4.52 -14.58 -29.12
CA ALA D 159 -3.16 -14.78 -29.59
C ALA D 159 -2.92 -16.27 -29.90
N HIS D 160 -2.04 -16.53 -30.85
CA HIS D 160 -1.82 -17.89 -31.33
C HIS D 160 -0.40 -18.11 -31.85
N LYS D 161 0.14 -19.29 -31.58
CA LYS D 161 1.41 -19.71 -32.17
C LYS D 161 1.19 -20.06 -33.60
N ILE D 162 1.98 -19.51 -34.50
CA ILE D 162 1.90 -19.81 -35.92
C ILE D 162 2.99 -20.83 -36.28
N GLU D 163 2.60 -22.03 -36.73
CA GLU D 163 3.56 -23.02 -37.36
C GLU D 163 3.43 -22.93 -38.88
N ALA D 164 4.53 -22.69 -39.60
CA ALA D 164 4.41 -22.51 -41.07
C ALA D 164 4.17 -23.87 -41.71
N GLY D 165 3.33 -23.91 -42.74
CA GLY D 165 2.82 -25.16 -43.32
C GLY D 165 1.67 -25.80 -42.55
N ASN D 166 1.08 -25.02 -41.64
CA ASN D 166 -0.13 -25.37 -40.90
C ASN D 166 -1.04 -24.16 -41.05
N GLU D 167 -2.13 -24.33 -41.77
CA GLU D 167 -3.02 -23.23 -42.12
C GLU D 167 -3.86 -22.86 -40.91
N PHE D 168 -3.98 -21.58 -40.66
CA PHE D 168 -4.83 -21.07 -39.61
C PHE D 168 -5.72 -20.00 -40.23
N LYS D 169 -7.01 -20.23 -40.13
CA LYS D 169 -8.04 -19.34 -40.55
C LYS D 169 -9.02 -19.10 -39.39
N ASN D 170 -9.43 -17.84 -39.22
CA ASN D 170 -10.47 -17.52 -38.26
C ASN D 170 -11.09 -16.17 -38.58
N ILE D 171 -12.27 -15.92 -38.04
CA ILE D 171 -12.84 -14.56 -38.12
C ILE D 171 -12.88 -14.01 -36.69
N PHE D 172 -12.09 -12.99 -36.42
CA PHE D 172 -11.96 -12.44 -35.08
C PHE D 172 -11.38 -11.04 -35.11
N GLY D 173 -11.25 -10.40 -33.96
CA GLY D 173 -10.67 -9.04 -33.87
C GLY D 173 -11.77 -8.03 -33.99
N THR D 174 -11.39 -6.76 -34.00
CA THR D 174 -12.34 -5.64 -34.15
C THR D 174 -12.24 -5.16 -35.61
N PRO D 175 -13.34 -5.17 -36.38
CA PRO D 175 -13.30 -4.95 -37.83
C PRO D 175 -12.35 -3.87 -38.31
N GLU D 176 -12.47 -2.70 -37.76
CA GLU D 176 -11.65 -1.53 -38.12
C GLU D 176 -10.13 -1.81 -38.17
N PHE D 177 -9.66 -2.75 -37.35
CA PHE D 177 -8.24 -3.00 -37.17
C PHE D 177 -7.68 -4.29 -37.75
N VAL D 178 -8.52 -5.07 -38.42
CA VAL D 178 -8.11 -6.39 -38.91
C VAL D 178 -7.56 -6.31 -40.34
N ALA D 179 -6.60 -7.20 -40.64
CA ALA D 179 -6.03 -7.28 -41.95
C ALA D 179 -7.07 -7.88 -42.95
N PRO D 180 -6.85 -7.66 -44.25
CA PRO D 180 -7.78 -8.20 -45.26
C PRO D 180 -7.87 -9.71 -45.32
N GLU D 181 -6.80 -10.38 -44.89
CA GLU D 181 -6.81 -11.84 -44.79
C GLU D 181 -7.78 -12.35 -43.71
N ILE D 182 -8.09 -11.53 -42.70
CA ILE D 182 -9.15 -11.86 -41.75
C ILE D 182 -10.49 -11.65 -42.40
N VAL D 183 -10.66 -10.53 -43.06
CA VAL D 183 -11.95 -10.20 -43.69
C VAL D 183 -12.31 -11.24 -44.75
N ASN D 184 -11.32 -11.65 -45.53
CA ASN D 184 -11.53 -12.62 -46.62
C ASN D 184 -11.44 -14.09 -46.24
N TYR D 185 -11.25 -14.40 -44.96
CA TYR D 185 -11.11 -15.81 -44.53
C TYR D 185 -10.03 -16.55 -45.36
N GLU D 186 -8.84 -15.97 -45.30
CA GLU D 186 -7.64 -16.43 -45.95
C GLU D 186 -6.59 -16.78 -44.88
N PRO D 187 -5.53 -17.52 -45.25
CA PRO D 187 -4.59 -17.97 -44.23
C PRO D 187 -3.95 -16.83 -43.46
N LEU D 188 -3.84 -17.02 -42.15
CA LEU D 188 -3.38 -16.02 -41.23
C LEU D 188 -1.98 -16.32 -40.70
N GLY D 189 -1.27 -15.27 -40.32
CA GLY D 189 0.04 -15.42 -39.71
C GLY D 189 0.42 -14.18 -38.95
N LEU D 190 1.73 -14.05 -38.76
CA LEU D 190 2.34 -12.91 -38.08
C LEU D 190 2.11 -11.61 -38.84
N GLU D 191 1.87 -11.69 -40.15
CA GLU D 191 1.71 -10.51 -40.98
C GLU D 191 0.47 -9.70 -40.59
N ALA D 192 -0.56 -10.36 -40.09
CA ALA D 192 -1.77 -9.65 -39.64
C ALA D 192 -1.48 -8.60 -38.57
N ASP D 193 -0.57 -8.86 -37.64
CA ASP D 193 -0.18 -7.88 -36.64
C ASP D 193 0.40 -6.60 -37.27
N MET D 194 1.14 -6.77 -38.36
CA MET D 194 1.82 -5.65 -39.06
C MET D 194 0.84 -4.73 -39.72
N TRP D 195 -0.16 -5.30 -40.37
CA TRP D 195 -1.28 -4.49 -40.85
C TRP D 195 -1.85 -3.66 -39.71
N SER D 196 -2.18 -4.31 -38.59
CA SER D 196 -2.78 -3.62 -37.44
C SER D 196 -1.86 -2.52 -36.91
N ILE D 197 -0.55 -2.74 -36.93
CA ILE D 197 0.42 -1.69 -36.60
C ILE D 197 0.34 -0.50 -37.54
N GLY D 198 0.09 -0.76 -38.82
CA GLY D 198 -0.17 0.31 -39.78
C GLY D 198 -1.39 1.17 -39.47
N VAL D 199 -2.44 0.49 -39.05
CA VAL D 199 -3.71 1.15 -38.65
C VAL D 199 -3.49 1.97 -37.39
N ILE D 200 -2.85 1.39 -36.39
CA ILE D 200 -2.54 2.12 -35.17
C ILE D 200 -1.70 3.37 -35.44
N THR D 201 -0.70 3.24 -36.31
CA THR D 201 0.19 4.35 -36.65
C THR D 201 -0.62 5.50 -37.34
N TYR D 202 -1.47 5.14 -38.30
CA TYR D 202 -2.34 6.10 -38.94
C TYR D 202 -3.16 6.91 -37.90
N ILE D 203 -3.73 6.20 -36.93
CA ILE D 203 -4.59 6.82 -35.91
C ILE D 203 -3.74 7.69 -34.99
N LEU D 204 -2.58 7.22 -34.60
CA LEU D 204 -1.63 8.02 -33.79
C LEU D 204 -1.34 9.42 -34.34
N LEU D 205 -1.11 9.49 -35.64
CA LEU D 205 -0.70 10.76 -36.29
C LEU D 205 -1.85 11.70 -36.68
N SER D 206 -3.03 11.13 -36.88
CA SER D 206 -4.17 11.83 -37.43
C SER D 206 -5.34 11.92 -36.49
N GLY D 207 -5.50 10.92 -35.63
CA GLY D 207 -6.72 10.77 -34.85
C GLY D 207 -7.93 10.33 -35.67
N ALA D 208 -7.70 9.78 -36.85
CA ALA D 208 -8.76 9.23 -37.68
C ALA D 208 -8.43 7.77 -37.97
N SER D 209 -9.46 6.98 -38.22
CA SER D 209 -9.29 5.54 -38.52
C SER D 209 -9.25 5.43 -40.04
N PRO D 210 -8.26 4.73 -40.60
CA PRO D 210 -8.10 4.73 -42.05
C PRO D 210 -9.18 4.10 -42.92
N PHE D 211 -9.82 3.02 -42.43
CA PHE D 211 -10.80 2.26 -43.24
C PHE D 211 -12.25 2.35 -42.79
N LEU D 212 -12.47 2.93 -41.61
CA LEU D 212 -13.75 3.11 -41.02
C LEU D 212 -14.70 3.77 -41.99
N GLY D 213 -15.84 3.10 -42.28
CA GLY D 213 -16.86 3.66 -43.13
C GLY D 213 -18.08 3.98 -42.32
N GLU D 214 -19.16 4.35 -43.01
CA GLU D 214 -20.44 4.69 -42.35
C GLU D 214 -21.16 3.47 -41.76
N THR D 215 -20.79 2.26 -42.19
CA THR D 215 -21.35 0.99 -41.69
C THR D 215 -20.25 -0.03 -41.65
N LYS D 216 -20.48 -1.14 -40.95
CA LYS D 216 -19.54 -2.26 -40.95
C LYS D 216 -19.28 -2.75 -42.38
N GLN D 217 -20.32 -2.80 -43.20
CA GLN D 217 -20.19 -3.23 -44.55
C GLN D 217 -19.18 -2.40 -45.36
N GLU D 218 -19.21 -1.07 -45.22
CA GLU D 218 -18.22 -0.18 -45.87
C GLU D 218 -16.83 -0.37 -45.33
N THR D 219 -16.72 -0.47 -44.02
CA THR D 219 -15.43 -0.67 -43.41
C THR D 219 -14.73 -1.91 -43.99
N LEU D 220 -15.46 -3.02 -44.09
CA LEU D 220 -14.89 -4.29 -44.54
C LEU D 220 -14.49 -4.23 -46.02
N THR D 221 -15.33 -3.58 -46.84
CA THR D 221 -14.99 -3.26 -48.25
C THR D 221 -13.74 -2.45 -48.38
N ASN D 222 -13.59 -1.42 -47.54
CA ASN D 222 -12.44 -0.52 -47.62
C ASN D 222 -11.20 -1.29 -47.23
N ILE D 223 -11.30 -2.12 -46.20
CA ILE D 223 -10.15 -2.94 -45.80
C ILE D 223 -9.75 -3.96 -46.89
N SER D 224 -10.73 -4.63 -47.45
CA SER D 224 -10.48 -5.68 -48.43
C SER D 224 -9.87 -5.10 -49.72
N ALA D 225 -10.31 -3.92 -50.14
CA ALA D 225 -9.74 -3.25 -51.32
C ALA D 225 -8.56 -2.34 -50.98
N VAL D 226 -8.23 -2.17 -49.70
CA VAL D 226 -7.23 -1.24 -49.27
C VAL D 226 -7.54 0.20 -49.82
N ASN D 227 -8.72 0.70 -49.47
CA ASN D 227 -9.15 2.03 -49.84
CA ASN D 227 -9.16 2.05 -49.85
C ASN D 227 -8.89 2.95 -48.67
N TYR D 228 -7.81 3.71 -48.74
CA TYR D 228 -7.55 4.76 -47.72
C TYR D 228 -6.78 5.89 -48.36
N ASP D 229 -6.75 7.03 -47.69
CA ASP D 229 -5.94 8.16 -48.17
C ASP D 229 -5.29 8.92 -47.01
N PHE D 230 -4.46 9.91 -47.36
CA PHE D 230 -3.85 10.78 -46.40
C PHE D 230 -4.47 12.16 -46.45
N ASP D 231 -5.75 12.25 -46.12
CA ASP D 231 -6.51 13.50 -46.17
C ASP D 231 -5.72 14.63 -45.51
N GLU D 232 -5.54 15.70 -46.27
CA GLU D 232 -4.85 16.92 -45.78
C GLU D 232 -5.45 17.50 -44.49
N GLU D 233 -6.75 17.35 -44.26
CA GLU D 233 -7.35 17.74 -42.96
C GLU D 233 -6.67 17.04 -41.76
N TYR D 234 -6.32 15.77 -41.92
CA TYR D 234 -5.69 15.01 -40.83
C TYR D 234 -4.18 14.90 -40.90
N PHE D 235 -3.61 14.92 -42.12
CA PHE D 235 -2.17 14.64 -42.31
C PHE D 235 -1.32 15.79 -42.79
N SER D 236 -1.78 17.04 -42.74
CA SER D 236 -0.92 18.17 -43.21
C SER D 236 0.33 18.37 -42.29
N ASN D 237 0.22 17.88 -41.06
CA ASN D 237 1.28 17.73 -40.08
C ASN D 237 2.05 16.35 -40.22
N THR D 238 2.31 15.87 -41.47
CA THR D 238 2.93 14.54 -41.65
C THR D 238 4.07 14.43 -42.72
N SER D 239 5.24 13.98 -42.28
CA SER D 239 6.39 13.73 -43.16
C SER D 239 6.12 12.65 -44.20
N GLU D 240 6.84 12.73 -45.31
CA GLU D 240 6.83 11.68 -46.33
C GLU D 240 7.29 10.33 -45.78
N LEU D 241 8.25 10.37 -44.86
CA LEU D 241 8.76 9.19 -44.22
C LEU D 241 7.70 8.42 -43.43
N ALA D 242 6.94 9.12 -42.58
CA ALA D 242 5.83 8.53 -41.81
C ALA D 242 4.76 7.94 -42.72
N LYS D 243 4.46 8.63 -43.81
CA LYS D 243 3.51 8.09 -44.77
C LYS D 243 4.06 6.84 -45.46
N ASP D 244 5.34 6.84 -45.78
CA ASP D 244 5.93 5.66 -46.38
C ASP D 244 5.88 4.45 -45.42
N PHE D 245 6.16 4.70 -44.15
CA PHE D 245 6.08 3.67 -43.13
C PHE D 245 4.71 3.03 -43.11
N ILE D 246 3.67 3.84 -43.09
CA ILE D 246 2.28 3.32 -43.10
C ILE D 246 1.96 2.57 -44.40
N ARG D 247 2.29 3.19 -45.53
CA ARG D 247 2.11 2.61 -46.88
C ARG D 247 2.70 1.20 -47.04
N ARG D 248 3.84 0.96 -46.38
CA ARG D 248 4.48 -0.34 -46.44
C ARG D 248 3.83 -1.42 -45.58
N LEU D 249 2.95 -1.00 -44.68
CA LEU D 249 2.21 -1.89 -43.80
C LEU D 249 0.78 -2.17 -44.30
N LEU D 250 0.14 -1.14 -44.85
CA LEU D 250 -1.22 -1.32 -45.39
C LEU D 250 -1.16 -1.89 -46.81
N VAL D 251 -0.76 -3.15 -46.89
CA VAL D 251 -0.51 -3.81 -48.15
C VAL D 251 -1.31 -5.11 -48.12
N LYS D 252 -2.08 -5.35 -49.17
CA LYS D 252 -3.04 -6.45 -49.16
C LYS D 252 -2.33 -7.79 -49.08
N ASP D 253 -1.34 -8.01 -49.92
CA ASP D 253 -0.66 -9.28 -49.97
C ASP D 253 0.24 -9.40 -48.74
N PRO D 254 -0.04 -10.35 -47.86
CA PRO D 254 0.76 -10.39 -46.63
C PRO D 254 2.25 -10.66 -46.87
N LYS D 255 2.57 -11.38 -47.94
CA LYS D 255 3.96 -11.62 -48.32
C LYS D 255 4.72 -10.36 -48.80
N ARG D 256 4.03 -9.29 -49.18
CA ARG D 256 4.68 -8.05 -49.57
C ARG D 256 4.70 -7.01 -48.49
N ARG D 257 4.05 -7.31 -47.37
CA ARG D 257 3.89 -6.34 -46.30
C ARG D 257 5.18 -6.32 -45.54
N MET D 258 5.56 -5.14 -45.07
CA MET D 258 6.76 -5.00 -44.26
C MET D 258 6.62 -5.85 -42.98
N THR D 259 7.67 -6.62 -42.65
CA THR D 259 7.72 -7.42 -41.43
C THR D 259 8.22 -6.59 -40.25
N ILE D 260 8.16 -7.20 -39.07
CA ILE D 260 8.56 -6.51 -37.85
C ILE D 260 10.02 -6.06 -37.80
N ALA D 261 10.96 -6.89 -38.22
CA ALA D 261 12.39 -6.51 -38.25
C ALA D 261 12.64 -5.37 -39.25
N GLN D 262 12.03 -5.49 -40.43
CA GLN D 262 12.15 -4.43 -41.43
C GLN D 262 11.62 -3.10 -40.87
N SER D 263 10.50 -3.16 -40.14
CA SER D 263 9.88 -1.96 -39.59
C SER D 263 10.74 -1.24 -38.56
N LEU D 264 11.51 -1.98 -37.76
CA LEU D 264 12.46 -1.40 -36.80
C LEU D 264 13.68 -0.78 -37.45
N GLU D 265 13.96 -1.17 -38.69
CA GLU D 265 15.10 -0.69 -39.45
C GLU D 265 14.71 0.45 -40.45
N HIS D 266 13.43 0.73 -40.57
CA HIS D 266 12.90 1.77 -41.47
C HIS D 266 13.33 3.16 -41.01
N SER D 267 13.60 4.06 -41.95
CA SER D 267 14.27 5.34 -41.61
C SER D 267 13.55 6.23 -40.61
N TRP D 268 12.22 6.24 -40.68
CA TRP D 268 11.34 6.95 -39.75
C TRP D 268 11.52 6.52 -38.31
N ILE D 269 11.70 5.22 -38.09
CA ILE D 269 11.93 4.70 -36.73
C ILE D 269 13.37 4.88 -36.30
N LYS D 270 14.31 4.62 -37.22
CA LYS D 270 15.75 4.84 -36.95
C LYS D 270 16.11 6.30 -36.60
N ALA D 271 15.46 7.26 -37.25
CA ALA D 271 15.63 8.72 -36.96
C ALA D 271 14.82 9.01 -35.73
S DMS E . -40.39 19.18 4.17
O DMS E . -39.50 18.21 4.86
C1 DMS E . -41.78 18.38 3.56
C2 DMS E . -41.13 20.33 5.21
O1 DUK F . -23.20 24.66 6.25
C13 DUK F . -23.34 23.49 6.45
N4 DUK F . -23.58 22.65 5.37
C11 DUK F . -23.28 22.97 7.88
C12 DUK F . -24.59 23.39 8.59
S DUK F . -22.99 21.16 8.03
C6 DUK F . -21.58 20.66 7.18
N1 DUK F . -20.97 21.47 6.35
C9 DUK F . -19.78 20.94 5.68
N3 DUK F . -18.92 21.50 4.82
N2 DUK F . -18.04 20.67 4.49
C10 DUK F . -18.20 19.49 5.12
C8 DUK F . -19.32 19.67 5.90
C7 DUK F . -20.02 18.76 6.80
O DUK F . -19.68 17.59 7.03
N DUK F . -21.14 19.34 7.41
C2 DUK F . -18.99 22.81 4.18
C DUK F . -17.99 23.15 3.29
C4 DUK F . -20.09 23.63 4.29
C5 DUK F . -20.15 24.84 3.58
C3 DUK F . -19.13 25.19 2.72
C1 DUK F . -18.06 24.34 2.58
CL DUK F . -16.77 24.73 1.57
S DMS G . 5.94 -38.22 22.65
O DMS G . 6.49 -36.94 23.17
C1 DMS G . 5.80 -38.21 20.94
C2 DMS G . 7.00 -39.55 22.92
O1 DUK H . 8.62 -32.77 6.12
C13 DUK H . 7.67 -32.25 6.66
N4 DUK H . 7.85 -31.57 7.86
C11 DUK H . 6.33 -32.38 5.97
C12 DUK H . 5.92 -33.86 6.03
S DUK H . 5.02 -31.28 6.66
C6 DUK H . 5.40 -29.74 5.95
N1 DUK H . 6.52 -29.54 5.30
C9 DUK H . 6.78 -28.22 4.74
N3 DUK H . 7.79 -27.74 4.00
N2 DUK H . 7.58 -26.53 3.75
C10 DUK H . 6.38 -26.12 4.25
C8 DUK H . 5.87 -27.22 4.88
C7 DUK H . 4.63 -27.43 5.61
O DUK H . 3.79 -26.57 5.81
N DUK H . 4.47 -28.72 6.10
C2 DUK H . 9.05 -28.39 3.65
C DUK H . 10.01 -27.66 2.95
C4 DUK H . 9.39 -29.65 4.15
C5 DUK H . 10.64 -30.19 3.87
C3 DUK H . 11.57 -29.47 3.15
C1 DUK H . 11.24 -28.21 2.68
CL DUK H . 12.34 -27.29 1.75
S DMS I . 25.86 15.62 28.66
O DMS I . 26.66 15.95 27.43
C1 DMS I . 24.65 14.43 28.38
C2 DMS I . 26.82 14.85 29.84
O1 DUK J . 14.55 7.28 18.52
C13 DUK J . 14.42 8.48 18.55
N4 DUK J . 15.46 9.31 18.19
C11 DUK J . 13.06 9.03 18.98
C12 DUK J . 12.93 8.82 20.49
S DUK J . 12.78 10.79 18.50
C6 DUK J . 12.47 10.79 16.81
N1 DUK J . 12.60 9.66 16.16
C9 DUK J . 12.35 9.64 14.72
N3 DUK J . 12.37 8.64 13.83
N2 DUK J . 12.09 9.12 12.70
C10 DUK J . 11.81 10.43 12.76
C8 DUK J . 11.98 10.77 14.09
C7 DUK J . 11.83 12.02 14.81
O DUK J . 11.52 13.07 14.28
N DUK J . 12.09 11.96 16.17
C2 DUK J . 12.77 7.23 14.01
C DUK J . 12.76 6.40 12.91
C4 DUK J . 13.27 6.71 15.23
C5 DUK J . 13.68 5.38 15.33
C3 DUK J . 13.63 4.56 14.22
C1 DUK J . 13.18 5.08 13.02
CL DUK J . 13.07 4.14 11.60
N ILE K . 15.65 6.89 -32.80
CA ILE K . 15.44 7.98 -31.77
C ILE K . 14.04 8.58 -31.93
O ILE K . 13.25 8.18 -32.80
CB ILE K . 16.54 9.09 -31.85
CG1 ILE K . 17.96 8.47 -31.77
CG2 ILE K . 16.34 10.14 -30.76
CD1 ILE K . 18.53 7.96 -33.09
S DMS L . -14.61 -8.93 -37.50
O DMS L . -13.16 -9.20 -37.77
C1 DMS L . -15.52 -9.28 -38.92
C2 DMS L . -15.29 -9.99 -36.33
O1 DUK M . -11.10 -5.44 -21.44
C13 DUK M . -10.53 -6.39 -21.94
N4 DUK M . -9.94 -6.27 -23.17
C11 DUK M . -10.52 -7.71 -21.19
C12 DUK M . -11.87 -8.39 -21.44
S DUK M . -9.13 -8.81 -21.68
C6 DUK M . -7.73 -8.24 -20.86
N1 DUK M . -7.84 -7.11 -20.20
C9 DUK M . -6.68 -6.60 -19.49
N3 DUK M . -6.51 -5.51 -18.74
N2 DUK M . -5.32 -5.46 -18.33
C10 DUK M . -4.62 -6.55 -18.74
C8 DUK M . -5.51 -7.28 -19.50
C7 DUK M . -5.39 -8.54 -20.23
O DUK M . -4.36 -9.20 -20.29
N DUK M . -6.54 -8.97 -20.87
C2 DUK M . -7.47 -4.41 -18.50
C DUK M . -7.01 -3.31 -17.77
C4 DUK M . -8.76 -4.34 -19.05
C5 DUK M . -9.59 -3.24 -18.84
C3 DUK M . -9.12 -2.18 -18.08
C1 DUK M . -7.84 -2.23 -17.54
CL DUK M . -7.16 -0.96 -16.61
#